data_2PJA
#
_entry.id   2PJA
#
_cell.length_a   66.964
_cell.length_b   96.379
_cell.length_c   135.641
_cell.angle_alpha   90.00
_cell.angle_beta   90.00
_cell.angle_gamma   90.00
#
_symmetry.space_group_name_H-M   'P 21 21 21'
#
loop_
_entity.id
_entity.type
_entity.pdbx_description
1 polymer 'Carboxypeptidase B'
2 non-polymer 'ZINC ION'
3 non-polymer '(2S)-2-(3-{[AMINO(IMINO)METHYL]AMINO}PHENYL)-3-[(R)-[(1R)-1-({N-[(BENZYLOXY)CARBONYL]-L-PHENYLALANYL}AMINO)-2-METHYLPROPYL](HYDROXY)PHOSPHORYL]PROPANOIC ACID'
4 water water
#
_entity_poly.entity_id   1
_entity_poly.type   'polypeptide(L)'
_entity_poly.pdbx_seq_one_letter_code
;TTGHSYEKYNNWETIEAWTKQVTSENPDLISRTAIGTTFLGNNIYLLKVGKPGPNKPAIFMDCGFHAREWISHAFCQWFV
REAVLTYGYESHMTEFLNKLDFYVLPVLNIDGYIYTWTKNRMWRKTRSTNAGTTCIGTDPNRNFDAGWCTTGASTDPCDE
TYCGSAAESEKETKALADFIRNNLSSIKAYLTIHSYSQMILYPYSYDYKLPENNAELNNLAKAAVKELATLYGTKYTYGP
GATTIYPAAGGSDDWAYDQGIKYSFTFELRDKGRYGFILPESQIQATCEETMLAIKYVTNYVLGHL
;
_entity_poly.pdbx_strand_id   A,B,C
#
loop_
_chem_comp.id
_chem_comp.type
_chem_comp.name
_chem_comp.formula
33Z non-polymer '(2S)-2-(3-{[AMINO(IMINO)METHYL]AMINO}PHENYL)-3-[(R)-[(1R)-1-({N-[(BENZYLOXY)CARBONYL]-L-PHENYLALANYL}AMINO)-2-METHYLPROPYL](HYDROXY)PHOSPHORYL]PROPANOIC ACID' 'C31 H38 N5 O7 P'
ZN non-polymer 'ZINC ION' 'Zn 2'
#
# COMPACT_ATOMS: atom_id res chain seq x y z
N GLY A 3 -13.16 35.75 9.50
CA GLY A 3 -11.82 35.19 9.67
C GLY A 3 -10.85 35.72 8.63
N HIS A 4 -11.20 36.85 8.02
CA HIS A 4 -10.43 37.42 6.92
C HIS A 4 -9.21 38.19 7.42
N SER A 5 -8.07 37.96 6.78
CA SER A 5 -6.87 38.78 7.01
C SER A 5 -6.24 39.12 5.66
N TYR A 6 -5.72 40.34 5.55
CA TYR A 6 -5.08 40.75 4.30
C TYR A 6 -3.66 40.22 4.16
N GLU A 7 -3.07 39.74 5.26
CA GLU A 7 -1.74 39.14 5.21
C GLU A 7 -1.75 37.61 5.35
N LYS A 8 -2.90 37.00 5.06
CA LYS A 8 -2.97 35.55 4.94
C LYS A 8 -3.81 35.19 3.72
N TYR A 9 -3.65 33.96 3.24
CA TYR A 9 -4.50 33.50 2.16
C TYR A 9 -5.83 33.05 2.74
N ASN A 10 -6.92 33.52 2.14
CA ASN A 10 -8.26 33.28 2.68
C ASN A 10 -9.02 32.32 1.78
N ASN A 11 -9.81 31.43 2.37
CA ASN A 11 -10.58 30.50 1.54
C ASN A 11 -11.75 31.22 0.89
N TRP A 12 -12.44 30.56 -0.02
CA TRP A 12 -13.47 31.24 -0.78
C TRP A 12 -14.60 31.73 0.13
N GLU A 13 -15.00 30.88 1.07
CA GLU A 13 -16.10 31.22 1.97
C GLU A 13 -15.79 32.56 2.63
N THR A 14 -14.53 32.73 3.02
CA THR A 14 -14.07 33.95 3.67
C THR A 14 -13.99 35.13 2.71
N ILE A 15 -13.50 34.89 1.50
CA ILE A 15 -13.40 35.95 0.50
C ILE A 15 -14.80 36.45 0.12
N GLU A 16 -15.71 35.50 -0.10
CA GLU A 16 -17.10 35.86 -0.40
C GLU A 16 -17.69 36.75 0.68
N ALA A 17 -17.51 36.36 1.94
CA ALA A 17 -18.05 37.13 3.05
C ALA A 17 -17.39 38.49 3.10
N TRP A 18 -16.11 38.52 2.74
CA TRP A 18 -15.37 39.76 2.66
C TRP A 18 -15.93 40.71 1.58
N THR A 19 -16.29 40.17 0.42
CA THR A 19 -16.82 41.02 -0.63
C THR A 19 -18.09 41.72 -0.15
N LYS A 20 -18.89 40.99 0.64
CA LYS A 20 -20.12 41.56 1.16
C LYS A 20 -19.81 42.61 2.23
N GLN A 21 -18.89 42.27 3.12
CA GLN A 21 -18.56 43.14 4.25
C GLN A 21 -17.89 44.44 3.78
N VAL A 22 -16.90 44.32 2.90
CA VAL A 22 -16.15 45.50 2.48
C VAL A 22 -17.06 46.45 1.70
N THR A 23 -18.02 45.89 0.96
CA THR A 23 -19.00 46.68 0.23
C THR A 23 -19.97 47.36 1.19
N SER A 24 -20.48 46.60 2.16
CA SER A 24 -21.42 47.13 3.14
C SER A 24 -20.81 48.29 3.92
N GLU A 25 -19.51 48.19 4.20
CA GLU A 25 -18.81 49.18 5.01
C GLU A 25 -18.35 50.41 4.22
N ASN A 26 -18.32 50.29 2.89
CA ASN A 26 -17.86 51.39 2.04
C ASN A 26 -18.77 51.65 0.84
N PRO A 27 -20.07 51.82 1.09
CA PRO A 27 -21.04 51.91 -0.01
C PRO A 27 -20.83 53.12 -0.92
N ASP A 28 -20.04 54.10 -0.46
CA ASP A 28 -19.78 55.27 -1.27
C ASP A 28 -18.53 55.11 -2.12
N LEU A 29 -17.90 53.94 -2.05
CA LEU A 29 -16.72 53.65 -2.84
C LEU A 29 -16.79 52.30 -3.54
N ILE A 30 -17.66 51.42 -3.05
CA ILE A 30 -17.76 50.07 -3.61
C ILE A 30 -19.22 49.64 -3.81
N SER A 31 -19.50 49.09 -4.99
CA SER A 31 -20.73 48.32 -5.17
C SER A 31 -20.37 46.90 -5.64
N ARG A 32 -21.17 45.92 -5.22
CA ARG A 32 -20.89 44.55 -5.57
C ARG A 32 -21.97 44.00 -6.49
N THR A 33 -21.56 43.31 -7.54
CA THR A 33 -22.50 42.58 -8.37
C THR A 33 -21.94 41.18 -8.62
N ALA A 34 -22.78 40.30 -9.15
CA ALA A 34 -22.34 39.00 -9.61
C ALA A 34 -22.50 38.99 -11.12
N ILE A 35 -21.46 38.57 -11.84
CA ILE A 35 -21.52 38.58 -13.29
C ILE A 35 -21.82 37.19 -13.87
N GLY A 36 -22.07 36.24 -12.98
CA GLY A 36 -22.37 34.88 -13.42
C GLY A 36 -22.10 33.86 -12.33
N THR A 37 -22.33 32.60 -12.64
CA THR A 37 -22.03 31.51 -11.72
C THR A 37 -20.95 30.63 -12.31
N THR A 38 -20.15 30.02 -11.44
CA THR A 38 -19.15 29.05 -11.89
C THR A 38 -19.81 27.73 -12.25
N PHE A 39 -19.02 26.81 -12.80
CA PHE A 39 -19.54 25.49 -13.13
C PHE A 39 -20.21 24.85 -11.91
N LEU A 40 -19.62 25.04 -10.74
CA LEU A 40 -20.12 24.41 -9.53
C LEU A 40 -21.04 25.33 -8.73
N GLY A 41 -21.43 26.44 -9.34
CA GLY A 41 -22.52 27.23 -8.79
C GLY A 41 -22.12 28.27 -7.75
N ASN A 42 -20.84 28.61 -7.73
CA ASN A 42 -20.38 29.73 -6.90
C ASN A 42 -20.56 31.05 -7.63
N ASN A 43 -20.71 32.13 -6.87
CA ASN A 43 -21.03 33.43 -7.43
C ASN A 43 -19.77 34.19 -7.84
N ILE A 44 -19.71 34.60 -9.10
CA ILE A 44 -18.55 35.33 -9.61
C ILE A 44 -18.74 36.81 -9.30
N TYR A 45 -18.19 37.25 -8.18
CA TYR A 45 -18.38 38.62 -7.73
C TYR A 45 -17.49 39.58 -8.48
N LEU A 46 -18.00 40.79 -8.65
CA LEU A 46 -17.26 41.88 -9.27
C LEU A 46 -17.51 43.11 -8.40
N LEU A 47 -16.43 43.75 -7.99
CA LEU A 47 -16.55 44.96 -7.18
C LEU A 47 -16.22 46.16 -8.05
N LYS A 48 -17.13 47.13 -8.08
CA LYS A 48 -16.86 48.39 -8.75
C LYS A 48 -16.34 49.38 -7.71
N VAL A 49 -15.06 49.71 -7.81
CA VAL A 49 -14.41 50.52 -6.81
C VAL A 49 -14.17 51.91 -7.40
N GLY A 50 -14.74 52.93 -6.74
CA GLY A 50 -14.61 54.28 -7.24
C GLY A 50 -15.69 55.18 -6.67
N LYS A 51 -15.52 56.49 -6.85
CA LYS A 51 -16.54 57.44 -6.42
C LYS A 51 -17.62 57.52 -7.50
N PRO A 52 -18.84 57.09 -7.15
CA PRO A 52 -19.85 56.99 -8.20
C PRO A 52 -20.16 58.29 -8.92
N GLY A 53 -20.45 58.17 -10.21
CA GLY A 53 -20.69 59.32 -11.05
C GLY A 53 -21.15 58.84 -12.42
N PRO A 54 -21.62 59.74 -13.28
CA PRO A 54 -22.10 59.40 -14.63
C PRO A 54 -20.97 59.14 -15.63
N ASN A 55 -21.17 58.15 -16.49
CA ASN A 55 -20.23 57.80 -17.56
C ASN A 55 -18.76 58.00 -17.19
N LYS A 56 -18.29 57.24 -16.21
CA LYS A 56 -16.88 57.23 -15.86
C LYS A 56 -16.16 56.18 -16.69
N PRO A 57 -14.93 56.47 -17.10
CA PRO A 57 -14.08 55.43 -17.70
C PRO A 57 -13.69 54.43 -16.61
N ALA A 58 -13.07 53.33 -17.01
CA ALA A 58 -12.79 52.26 -16.06
C ALA A 58 -11.54 51.48 -16.41
N ILE A 59 -10.96 50.87 -15.38
CA ILE A 59 -9.90 49.89 -15.56
C ILE A 59 -10.41 48.56 -15.02
N PHE A 60 -10.23 47.49 -15.80
CA PHE A 60 -10.67 46.17 -15.37
C PHE A 60 -9.46 45.37 -14.89
N MET A 61 -9.56 44.82 -13.68
CA MET A 61 -8.51 43.96 -13.14
C MET A 61 -9.12 42.69 -12.55
N ASP A 62 -8.62 41.54 -12.97
CA ASP A 62 -9.03 40.30 -12.33
C ASP A 62 -7.87 39.56 -11.66
N CYS A 63 -8.22 38.75 -10.69
CA CYS A 63 -7.26 37.87 -10.01
C CYS A 63 -7.81 36.45 -10.01
N GLY A 64 -6.94 35.48 -9.76
CA GLY A 64 -7.40 34.13 -9.55
C GLY A 64 -7.89 33.38 -10.79
N PHE A 65 -7.36 33.73 -11.96
CA PHE A 65 -7.57 32.91 -13.16
C PHE A 65 -7.10 31.48 -12.85
N HIS A 66 -5.91 31.37 -12.30
CA HIS A 66 -5.31 30.06 -12.04
C HIS A 66 -5.33 29.74 -10.55
N ALA A 67 -5.88 28.57 -10.23
CA ALA A 67 -6.30 28.25 -8.87
C ALA A 67 -5.16 28.30 -7.85
N ARG A 68 -4.00 27.79 -8.24
CA ARG A 68 -2.88 27.65 -7.32
C ARG A 68 -2.09 28.93 -7.09
N GLU A 69 -2.36 29.95 -7.89
CA GLU A 69 -1.61 31.21 -7.80
C GLU A 69 -2.17 32.12 -6.72
N TRP A 70 -2.07 31.67 -5.47
CA TRP A 70 -2.77 32.30 -4.34
C TRP A 70 -2.40 33.75 -4.08
N ILE A 71 -1.19 34.17 -4.45
CA ILE A 71 -0.81 35.55 -4.23
C ILE A 71 -1.62 36.50 -5.14
N SER A 72 -2.08 35.96 -6.26
CA SER A 72 -2.96 36.73 -7.14
C SER A 72 -4.25 37.12 -6.41
N HIS A 73 -4.93 36.13 -5.85
CA HIS A 73 -6.18 36.38 -5.14
C HIS A 73 -5.93 37.40 -4.03
N ALA A 74 -4.83 37.21 -3.31
CA ALA A 74 -4.51 38.08 -2.20
C ALA A 74 -4.35 39.52 -2.65
N PHE A 75 -3.78 39.71 -3.85
CA PHE A 75 -3.55 41.06 -4.30
C PHE A 75 -4.84 41.83 -4.56
N CYS A 76 -5.82 41.20 -5.22
CA CYS A 76 -7.07 41.91 -5.46
C CYS A 76 -7.68 42.40 -4.15
N GLN A 77 -7.64 41.55 -3.12
CA GLN A 77 -8.20 41.96 -1.83
C GLN A 77 -7.41 43.14 -1.27
N TRP A 78 -6.09 43.05 -1.33
CA TRP A 78 -5.22 44.11 -0.84
C TRP A 78 -5.52 45.44 -1.54
N PHE A 79 -5.68 45.38 -2.85
CA PHE A 79 -5.93 46.55 -3.67
C PHE A 79 -7.19 47.28 -3.22
N VAL A 80 -8.24 46.51 -2.92
CA VAL A 80 -9.51 47.11 -2.55
C VAL A 80 -9.38 47.81 -1.20
N ARG A 81 -8.69 47.20 -0.26
CA ARG A 81 -8.49 47.89 1.02
C ARG A 81 -7.71 49.18 0.85
N GLU A 82 -6.64 49.13 0.06
CA GLU A 82 -5.82 50.32 -0.14
C GLU A 82 -6.66 51.44 -0.74
N ALA A 83 -7.52 51.07 -1.67
CA ALA A 83 -8.38 52.04 -2.33
C ALA A 83 -9.26 52.75 -1.32
N VAL A 84 -9.97 51.98 -0.50
CA VAL A 84 -10.93 52.55 0.43
C VAL A 84 -10.26 53.25 1.60
N LEU A 85 -9.10 52.75 2.04
CA LEU A 85 -8.40 53.36 3.16
C LEU A 85 -7.78 54.71 2.81
N THR A 86 -7.25 54.83 1.61
CA THR A 86 -6.48 56.02 1.27
C THR A 86 -7.28 57.06 0.49
N TYR A 87 -8.49 56.72 0.08
CA TYR A 87 -9.30 57.69 -0.65
C TYR A 87 -9.50 58.92 0.22
N GLY A 88 -9.21 60.09 -0.34
CA GLY A 88 -9.37 61.33 0.40
C GLY A 88 -8.09 61.78 1.09
N TYR A 89 -7.13 60.88 1.22
CA TYR A 89 -5.90 61.18 1.94
C TYR A 89 -4.66 61.13 1.05
N GLU A 90 -4.61 60.18 0.13
CA GLU A 90 -3.51 60.11 -0.83
C GLU A 90 -3.98 60.70 -2.15
N SER A 91 -3.26 61.69 -2.65
CA SER A 91 -3.77 62.51 -3.76
C SER A 91 -4.04 61.70 -5.01
N HIS A 92 -3.13 60.79 -5.35
CA HIS A 92 -3.28 59.99 -6.57
C HIS A 92 -4.52 59.09 -6.51
N MET A 93 -4.62 58.28 -5.46
CA MET A 93 -5.75 57.36 -5.37
C MET A 93 -7.07 58.12 -5.31
N THR A 94 -7.04 59.31 -4.70
CA THR A 94 -8.24 60.13 -4.59
C THR A 94 -8.68 60.54 -6.00
N GLU A 95 -7.72 61.00 -6.80
CA GLU A 95 -8.02 61.38 -8.16
C GLU A 95 -8.42 60.18 -9.01
N PHE A 96 -7.73 59.05 -8.81
CA PHE A 96 -8.06 57.83 -9.53
C PHE A 96 -9.53 57.48 -9.36
N LEU A 97 -9.97 57.43 -8.10
CA LEU A 97 -11.34 56.98 -7.80
C LEU A 97 -12.38 58.03 -8.15
N ASN A 98 -11.98 59.31 -8.12
CA ASN A 98 -12.86 60.38 -8.55
C ASN A 98 -13.13 60.29 -10.05
N LYS A 99 -12.09 60.01 -10.83
CA LYS A 99 -12.17 60.10 -12.28
C LYS A 99 -12.59 58.80 -12.96
N LEU A 100 -12.21 57.67 -12.38
CA LEU A 100 -12.54 56.39 -13.00
C LEU A 100 -13.02 55.35 -12.00
N ASP A 101 -13.50 54.24 -12.53
CA ASP A 101 -13.84 53.08 -11.71
C ASP A 101 -12.81 51.98 -11.95
N PHE A 102 -12.51 51.24 -10.90
CA PHE A 102 -11.83 49.96 -11.04
C PHE A 102 -12.88 48.86 -10.95
N TYR A 103 -12.98 48.05 -12.01
CA TYR A 103 -13.77 46.83 -11.92
C TYR A 103 -12.83 45.73 -11.45
N VAL A 104 -12.96 45.36 -10.18
CA VAL A 104 -12.08 44.35 -9.61
C VAL A 104 -12.83 43.04 -9.47
N LEU A 105 -12.33 42.01 -10.15
CA LEU A 105 -12.89 40.67 -10.06
C LEU A 105 -11.93 39.83 -9.24
N PRO A 106 -12.22 39.68 -7.93
CA PRO A 106 -11.24 39.14 -6.97
C PRO A 106 -10.83 37.70 -7.20
N VAL A 107 -11.78 36.86 -7.64
CA VAL A 107 -11.49 35.48 -8.00
C VAL A 107 -12.34 35.02 -9.19
N LEU A 108 -11.70 34.75 -10.33
CA LEU A 108 -12.44 34.28 -11.49
C LEU A 108 -12.73 32.79 -11.35
N ASN A 109 -11.67 32.01 -11.14
CA ASN A 109 -11.78 30.57 -11.11
C ASN A 109 -11.97 30.11 -9.67
N ILE A 110 -13.18 30.33 -9.16
CA ILE A 110 -13.51 30.04 -7.77
C ILE A 110 -13.49 28.53 -7.50
N ASP A 111 -14.06 27.76 -8.42
CA ASP A 111 -14.15 26.30 -8.21
C ASP A 111 -12.75 25.70 -8.07
N GLY A 112 -11.84 26.12 -8.93
CA GLY A 112 -10.47 25.65 -8.83
C GLY A 112 -9.82 26.10 -7.54
N TYR A 113 -10.07 27.34 -7.14
CA TYR A 113 -9.49 27.88 -5.91
C TYR A 113 -9.94 27.05 -4.72
N ILE A 114 -11.24 26.76 -4.64
CA ILE A 114 -11.75 25.91 -3.58
C ILE A 114 -11.06 24.56 -3.57
N TYR A 115 -10.82 24.00 -4.77
CA TYR A 115 -10.16 22.71 -4.85
C TYR A 115 -8.72 22.76 -4.32
N THR A 116 -8.05 23.89 -4.47
CA THR A 116 -6.67 24.00 -3.97
C THR A 116 -6.66 24.05 -2.45
N TRP A 117 -7.79 24.40 -1.86
CA TRP A 117 -7.92 24.42 -0.41
C TRP A 117 -8.34 23.06 0.15
N THR A 118 -9.17 22.34 -0.61
CA THR A 118 -9.80 21.14 -0.09
C THR A 118 -9.11 19.85 -0.50
N LYS A 119 -8.44 19.85 -1.66
CA LYS A 119 -7.92 18.62 -2.21
C LYS A 119 -6.51 18.70 -2.77
N ASN A 120 -6.26 19.68 -3.63
CA ASN A 120 -5.01 19.69 -4.36
C ASN A 120 -4.45 21.10 -4.54
N ARG A 121 -3.39 21.40 -3.81
CA ARG A 121 -2.83 22.75 -3.73
C ARG A 121 -2.28 23.22 -5.08
N MET A 122 -1.97 22.27 -5.96
CA MET A 122 -1.36 22.59 -7.23
C MET A 122 -2.35 22.54 -8.38
N TRP A 123 -3.64 22.50 -8.08
CA TRP A 123 -4.63 22.55 -9.15
C TRP A 123 -4.54 23.89 -9.88
N ARG A 124 -4.82 23.88 -11.18
CA ARG A 124 -4.65 25.05 -12.03
C ARG A 124 -5.96 25.43 -12.71
N LYS A 125 -6.60 24.44 -13.30
CA LYS A 125 -7.71 24.65 -14.23
C LYS A 125 -9.01 24.92 -13.52
N THR A 126 -10.09 25.03 -14.28
CA THR A 126 -11.43 25.03 -13.70
C THR A 126 -11.75 23.63 -13.20
N ARG A 127 -12.99 23.42 -12.79
CA ARG A 127 -13.41 22.12 -12.27
C ARG A 127 -14.60 21.55 -13.03
N SER A 128 -14.75 21.96 -14.29
CA SER A 128 -15.87 21.48 -15.10
C SER A 128 -15.59 20.07 -15.62
N THR A 129 -16.66 19.32 -15.86
CA THR A 129 -16.51 17.98 -16.42
C THR A 129 -16.27 18.04 -17.93
N ASN A 130 -15.73 16.97 -18.47
CA ASN A 130 -15.43 16.87 -19.89
C ASN A 130 -16.03 15.59 -20.45
N ALA A 131 -16.72 15.70 -21.58
CA ALA A 131 -17.39 14.56 -22.18
C ALA A 131 -16.38 13.48 -22.52
N GLY A 132 -16.74 12.23 -22.21
CA GLY A 132 -15.97 11.10 -22.68
C GLY A 132 -14.71 10.81 -21.88
N THR A 133 -14.51 11.51 -20.76
CA THR A 133 -13.34 11.26 -19.93
C THR A 133 -13.65 11.56 -18.47
N THR A 134 -12.83 11.03 -17.58
CA THR A 134 -12.93 11.35 -16.16
C THR A 134 -12.13 12.62 -15.86
N CYS A 135 -11.30 13.04 -16.79
CA CYS A 135 -10.47 14.21 -16.54
C CYS A 135 -11.27 15.48 -16.39
N ILE A 136 -10.87 16.30 -15.42
CA ILE A 136 -11.62 17.50 -15.04
C ILE A 136 -10.91 18.78 -15.46
N GLY A 137 -11.67 19.74 -15.97
CA GLY A 137 -11.19 21.11 -16.01
C GLY A 137 -10.58 21.62 -17.30
N THR A 138 -10.73 22.92 -17.51
CA THR A 138 -10.16 23.63 -18.65
C THR A 138 -9.26 24.75 -18.15
N ASP A 139 -8.17 25.02 -18.86
CA ASP A 139 -7.31 26.16 -18.53
C ASP A 139 -8.01 27.44 -18.97
N PRO A 140 -8.45 28.28 -18.01
CA PRO A 140 -9.22 29.46 -18.40
C PRO A 140 -8.42 30.42 -19.26
N ASN A 141 -7.10 30.44 -19.07
CA ASN A 141 -6.27 31.34 -19.87
C ASN A 141 -5.82 30.70 -21.17
N ARG A 142 -6.50 29.64 -21.59
CA ARG A 142 -6.38 29.14 -22.96
C ARG A 142 -7.77 29.09 -23.59
N ASN A 143 -8.75 29.67 -22.91
CA ASN A 143 -10.14 29.46 -23.28
C ASN A 143 -10.77 30.67 -23.96
N PHE A 144 -9.96 31.70 -24.22
CA PHE A 144 -10.49 32.90 -24.87
C PHE A 144 -10.31 32.88 -26.38
N ASP A 145 -11.14 33.66 -27.07
CA ASP A 145 -11.09 33.72 -28.52
C ASP A 145 -9.93 34.58 -28.98
N ALA A 146 -8.71 34.08 -28.77
CA ALA A 146 -7.50 34.78 -29.21
C ALA A 146 -6.56 33.79 -29.86
N GLY A 147 -6.70 33.63 -31.18
CA GLY A 147 -6.00 32.55 -31.88
C GLY A 147 -6.27 31.23 -31.19
N TRP A 148 -7.51 31.04 -30.75
CA TRP A 148 -7.88 29.96 -29.83
C TRP A 148 -7.29 28.58 -30.14
N CYS A 149 -6.52 28.07 -29.19
CA CYS A 149 -5.98 26.71 -29.22
C CYS A 149 -4.98 26.42 -30.33
N THR A 150 -4.54 27.46 -31.04
CA THR A 150 -3.65 27.27 -32.17
C THR A 150 -2.21 27.05 -31.76
N THR A 151 -1.86 27.43 -30.53
CA THR A 151 -0.50 27.22 -30.06
C THR A 151 -0.38 27.29 -28.53
N GLY A 152 0.64 26.63 -27.98
CA GLY A 152 0.87 26.67 -26.55
C GLY A 152 -0.29 26.17 -25.72
N ALA A 153 -1.08 25.26 -26.30
CA ALA A 153 -2.30 24.77 -25.65
C ALA A 153 -2.55 23.31 -26.03
N SER A 154 -3.21 22.58 -25.14
CA SER A 154 -3.55 21.19 -25.41
C SER A 154 -5.02 21.03 -25.78
N THR A 155 -5.31 20.10 -26.68
CA THR A 155 -6.69 19.74 -26.98
C THR A 155 -7.14 18.55 -26.13
N ASP A 156 -6.30 18.15 -25.16
CA ASP A 156 -6.60 17.01 -24.32
C ASP A 156 -7.10 17.47 -22.96
N PRO A 157 -8.33 17.09 -22.59
CA PRO A 157 -8.92 17.50 -21.31
C PRO A 157 -8.13 17.07 -20.07
N CYS A 158 -7.23 16.10 -20.25
CA CYS A 158 -6.43 15.64 -19.13
C CYS A 158 -5.19 16.47 -18.88
N ASP A 159 -4.93 17.44 -19.76
CA ASP A 159 -3.73 18.26 -19.68
C ASP A 159 -3.96 19.59 -18.96
N GLU A 160 -2.89 20.13 -18.37
CA GLU A 160 -2.97 21.37 -17.59
C GLU A 160 -3.30 22.61 -18.43
N THR A 161 -3.04 22.54 -19.73
CA THR A 161 -3.30 23.68 -20.61
C THR A 161 -4.42 23.39 -21.59
N TYR A 162 -5.33 22.51 -21.20
CA TYR A 162 -6.47 22.18 -22.04
C TYR A 162 -7.22 23.45 -22.42
N CYS A 163 -7.43 23.63 -23.72
CA CYS A 163 -7.99 24.88 -24.21
C CYS A 163 -9.52 24.87 -24.19
N GLY A 164 -10.10 23.74 -23.78
CA GLY A 164 -11.54 23.62 -23.73
C GLY A 164 -12.14 23.05 -25.00
N SER A 165 -13.45 22.82 -24.99
CA SER A 165 -14.14 22.29 -26.17
C SER A 165 -14.33 23.38 -27.21
N ALA A 166 -14.26 24.63 -26.77
CA ALA A 166 -14.42 25.77 -27.65
C ALA A 166 -14.07 27.01 -26.86
N ALA A 167 -13.75 28.10 -27.56
CA ALA A 167 -13.54 29.38 -26.90
C ALA A 167 -14.76 29.69 -26.04
N GLU A 168 -14.51 30.12 -24.80
CA GLU A 168 -15.57 30.52 -23.87
C GLU A 168 -16.53 29.39 -23.54
N SER A 169 -16.05 28.16 -23.65
CA SER A 169 -16.81 26.99 -23.24
C SER A 169 -17.04 26.98 -21.73
N GLU A 170 -16.14 27.62 -20.99
CA GLU A 170 -16.29 27.70 -19.53
C GLU A 170 -17.22 28.82 -19.15
N LYS A 171 -18.10 28.57 -18.18
CA LYS A 171 -19.04 29.59 -17.71
C LYS A 171 -18.30 30.81 -17.19
N GLU A 172 -17.15 30.61 -16.58
CA GLU A 172 -16.41 31.71 -15.95
C GLU A 172 -15.79 32.64 -16.98
N THR A 173 -15.17 32.06 -18.02
CA THR A 173 -14.54 32.87 -19.05
C THR A 173 -15.61 33.51 -19.92
N LYS A 174 -16.71 32.79 -20.13
CA LYS A 174 -17.86 33.36 -20.83
C LYS A 174 -18.36 34.59 -20.07
N ALA A 175 -18.47 34.46 -18.75
CA ALA A 175 -19.00 35.53 -17.91
C ALA A 175 -18.11 36.77 -17.97
N LEU A 176 -16.80 36.56 -17.90
CA LEU A 176 -15.85 37.67 -17.94
C LEU A 176 -15.90 38.35 -19.30
N ALA A 177 -15.89 37.54 -20.36
CA ALA A 177 -15.89 38.09 -21.71
C ALA A 177 -17.18 38.86 -21.98
N ASP A 178 -18.31 38.32 -21.52
CA ASP A 178 -19.59 38.97 -21.70
C ASP A 178 -19.60 40.32 -21.00
N PHE A 179 -19.06 40.37 -19.79
CA PHE A 179 -19.03 41.61 -19.05
C PHE A 179 -18.19 42.67 -19.76
N ILE A 180 -16.99 42.28 -20.19
CA ILE A 180 -16.12 43.23 -20.86
C ILE A 180 -16.72 43.71 -22.18
N ARG A 181 -17.34 42.79 -22.92
CA ARG A 181 -18.03 43.16 -24.16
C ARG A 181 -19.13 44.18 -23.90
N ASN A 182 -19.85 44.02 -22.80
CA ASN A 182 -20.97 44.89 -22.49
C ASN A 182 -20.51 46.26 -22.00
N ASN A 183 -19.23 46.38 -21.69
CA ASN A 183 -18.70 47.61 -21.11
C ASN A 183 -17.46 48.12 -21.85
N LEU A 184 -17.36 47.76 -23.13
CA LEU A 184 -16.19 48.12 -23.92
C LEU A 184 -15.97 49.63 -24.01
N SER A 185 -17.05 50.38 -24.05
CA SER A 185 -16.96 51.83 -24.16
C SER A 185 -16.19 52.45 -23.00
N SER A 186 -16.31 51.85 -21.82
CA SER A 186 -15.79 52.44 -20.60
C SER A 186 -14.40 51.91 -20.24
N ILE A 187 -14.14 50.65 -20.59
CA ILE A 187 -12.94 49.99 -20.13
C ILE A 187 -11.73 50.41 -20.96
N LYS A 188 -10.74 51.02 -20.31
CA LYS A 188 -9.60 51.61 -20.99
C LYS A 188 -8.34 50.78 -20.81
N ALA A 189 -8.34 49.91 -19.80
CA ALA A 189 -7.21 49.02 -19.58
C ALA A 189 -7.69 47.71 -18.99
N TYR A 190 -6.96 46.64 -19.30
CA TYR A 190 -7.25 45.32 -18.77
C TYR A 190 -5.99 44.78 -18.09
N LEU A 191 -6.12 44.42 -16.81
CA LEU A 191 -4.99 43.91 -16.04
C LEU A 191 -5.37 42.56 -15.46
N THR A 192 -4.59 41.54 -15.76
CA THR A 192 -4.91 40.21 -15.23
C THR A 192 -3.73 39.70 -14.39
N ILE A 193 -4.02 39.33 -13.14
CA ILE A 193 -2.97 39.06 -12.17
C ILE A 193 -2.72 37.57 -12.01
N HIS A 194 -1.46 37.18 -12.22
CA HIS A 194 -1.01 35.79 -12.11
C HIS A 194 0.25 35.73 -11.24
N SER A 195 0.72 34.52 -10.97
CA SER A 195 2.08 34.29 -10.45
C SER A 195 2.55 32.93 -10.98
N TYR A 196 3.84 32.63 -10.91
CA TYR A 196 4.90 33.53 -10.46
C TYR A 196 5.84 33.79 -11.65
N SER A 197 6.78 34.71 -11.47
CA SER A 197 7.87 34.95 -12.43
C SER A 197 8.44 36.36 -12.34
N GLN A 198 7.67 37.25 -11.73
CA GLN A 198 8.04 38.66 -11.65
C GLN A 198 8.22 39.24 -13.06
N MET A 199 7.12 39.33 -13.78
CA MET A 199 7.10 39.92 -15.10
C MET A 199 5.85 40.76 -15.32
N ILE A 200 5.96 41.74 -16.21
CA ILE A 200 4.78 42.34 -16.82
C ILE A 200 4.80 42.01 -18.30
N LEU A 201 3.78 41.29 -18.76
CA LEU A 201 3.70 40.94 -20.16
C LEU A 201 2.55 41.68 -20.84
N TYR A 202 2.73 42.00 -22.12
CA TYR A 202 1.67 42.56 -22.95
C TYR A 202 1.62 41.77 -24.25
N PRO A 203 0.57 41.98 -25.06
CA PRO A 203 0.40 41.20 -26.29
C PRO A 203 1.61 41.30 -27.24
N TYR A 204 1.81 40.29 -28.08
CA TYR A 204 0.92 39.15 -28.18
C TYR A 204 1.58 37.88 -27.65
N SER A 205 0.76 36.93 -27.23
CA SER A 205 1.25 35.61 -26.87
C SER A 205 0.80 34.55 -27.86
N TYR A 206 -0.35 34.74 -28.50
CA TYR A 206 -0.85 33.72 -29.41
C TYR A 206 -0.19 33.77 -30.78
N ASP A 207 0.66 34.76 -30.99
CA ASP A 207 1.41 34.91 -32.23
C ASP A 207 2.63 35.79 -31.97
N TYR A 208 3.63 35.73 -32.85
CA TYR A 208 4.82 36.53 -32.67
C TYR A 208 4.66 37.97 -33.17
N LYS A 209 3.53 38.25 -33.81
CA LYS A 209 3.24 39.61 -34.25
C LYS A 209 3.21 40.54 -33.04
N LEU A 210 3.41 41.83 -33.29
CA LEU A 210 3.41 42.82 -32.22
C LEU A 210 2.19 43.72 -32.32
N PRO A 211 1.70 44.22 -31.17
CA PRO A 211 0.61 45.21 -31.15
C PRO A 211 1.10 46.53 -31.75
N GLU A 212 0.20 47.25 -32.40
CA GLU A 212 0.56 48.49 -33.05
C GLU A 212 1.20 49.49 -32.09
N ASN A 213 0.75 49.49 -30.83
CA ASN A 213 1.32 50.39 -29.84
C ASN A 213 2.39 49.70 -28.99
N ASN A 214 3.13 48.80 -29.62
CA ASN A 214 4.18 48.03 -28.95
C ASN A 214 5.19 48.92 -28.21
N ALA A 215 5.66 49.97 -28.87
CA ALA A 215 6.67 50.83 -28.26
C ALA A 215 6.12 51.48 -27.00
N GLU A 216 4.87 51.93 -27.07
CA GLU A 216 4.23 52.55 -25.92
C GLU A 216 4.10 51.55 -24.77
N LEU A 217 3.65 50.34 -25.10
CA LEU A 217 3.46 49.31 -24.08
C LEU A 217 4.79 48.93 -23.43
N ASN A 218 5.85 48.85 -24.24
CA ASN A 218 7.16 48.54 -23.70
C ASN A 218 7.62 49.66 -22.74
N ASN A 219 7.42 50.92 -23.15
CA ASN A 219 7.81 52.04 -22.31
C ASN A 219 6.99 52.08 -21.03
N LEU A 220 5.72 51.76 -21.14
CA LEU A 220 4.83 51.76 -19.98
C LEU A 220 5.22 50.67 -19.00
N ALA A 221 5.45 49.46 -19.53
CA ALA A 221 5.83 48.34 -18.68
C ALA A 221 7.20 48.61 -18.05
N LYS A 222 8.10 49.18 -18.83
CA LYS A 222 9.43 49.52 -18.32
C LYS A 222 9.34 50.48 -17.14
N ALA A 223 8.45 51.48 -17.24
CA ALA A 223 8.31 52.47 -16.17
C ALA A 223 7.64 51.83 -14.96
N ALA A 224 6.65 50.99 -15.21
CA ALA A 224 5.92 50.33 -14.13
C ALA A 224 6.83 49.42 -13.32
N VAL A 225 7.73 48.68 -13.97
CA VAL A 225 8.64 47.80 -13.24
C VAL A 225 9.70 48.58 -12.47
N LYS A 226 10.13 49.71 -13.02
CA LYS A 226 11.07 50.58 -12.32
C LYS A 226 10.44 51.07 -11.02
N GLU A 227 9.18 51.49 -11.11
CA GLU A 227 8.42 51.99 -9.97
C GLU A 227 8.28 50.88 -8.92
N LEU A 228 7.98 49.68 -9.38
CA LEU A 228 7.80 48.55 -8.47
C LEU A 228 9.08 48.29 -7.69
N ALA A 229 10.21 48.38 -8.38
CA ALA A 229 11.52 48.09 -7.78
C ALA A 229 11.91 49.09 -6.71
N THR A 230 11.30 50.28 -6.73
CA THR A 230 11.72 51.34 -5.81
C THR A 230 11.49 50.97 -4.36
N LEU A 231 10.55 50.07 -4.10
CA LEU A 231 10.09 49.84 -2.75
C LEU A 231 10.97 48.85 -1.98
N TYR A 232 11.22 47.68 -2.58
CA TYR A 232 11.98 46.64 -1.91
C TYR A 232 13.09 46.07 -2.79
N GLY A 233 13.23 46.62 -3.99
CA GLY A 233 14.31 46.18 -4.87
C GLY A 233 13.96 44.98 -5.73
N THR A 234 12.68 44.62 -5.75
CA THR A 234 12.24 43.45 -6.50
C THR A 234 12.38 43.68 -8.00
N LYS A 235 13.01 42.74 -8.68
CA LYS A 235 13.33 42.90 -10.09
C LYS A 235 12.34 42.18 -11.00
N TYR A 236 11.67 42.95 -11.85
CA TYR A 236 10.77 42.40 -12.86
C TYR A 236 11.38 42.54 -14.24
N THR A 237 11.09 41.58 -15.11
CA THR A 237 11.32 41.75 -16.54
C THR A 237 9.98 41.93 -17.24
N TYR A 238 10.01 42.29 -18.52
CA TYR A 238 8.79 42.67 -19.22
C TYR A 238 8.96 42.56 -20.73
N GLY A 239 7.84 42.54 -21.44
CA GLY A 239 7.87 42.43 -22.89
C GLY A 239 6.67 41.66 -23.41
N PRO A 240 6.63 41.38 -24.72
CA PRO A 240 5.51 40.66 -25.33
C PRO A 240 5.46 39.24 -24.78
N GLY A 241 4.24 38.72 -24.58
CA GLY A 241 4.11 37.43 -23.96
C GLY A 241 4.90 36.34 -24.68
N ALA A 242 4.72 36.27 -25.99
CA ALA A 242 5.25 35.16 -26.78
C ALA A 242 6.76 34.98 -26.59
N THR A 243 7.49 36.09 -26.58
CA THR A 243 8.94 36.02 -26.53
C THR A 243 9.50 36.21 -25.11
N THR A 244 8.68 36.72 -24.21
CA THR A 244 9.15 37.01 -22.86
C THR A 244 9.02 35.79 -21.95
N ILE A 245 8.01 34.98 -22.19
CA ILE A 245 7.81 33.77 -21.40
C ILE A 245 7.62 32.53 -22.26
N TYR A 246 6.55 32.51 -23.06
CA TYR A 246 6.35 31.50 -24.09
C TYR A 246 5.08 31.78 -24.89
N PRO A 247 5.03 31.28 -26.14
CA PRO A 247 3.82 31.40 -26.95
C PRO A 247 2.67 30.62 -26.31
N ALA A 248 1.46 31.17 -26.37
CA ALA A 248 0.29 30.50 -25.84
C ALA A 248 -0.96 31.22 -26.33
N ALA A 249 -1.85 30.48 -26.97
CA ALA A 249 -3.06 31.08 -27.53
C ALA A 249 -4.18 31.10 -26.50
N GLY A 250 -5.19 31.91 -26.76
CA GLY A 250 -6.42 31.85 -25.98
C GLY A 250 -6.34 32.59 -24.66
N GLY A 251 -5.34 33.46 -24.52
CA GLY A 251 -5.19 34.22 -23.29
C GLY A 251 -6.08 35.46 -23.25
N SER A 252 -6.50 35.85 -22.05
CA SER A 252 -7.44 36.94 -21.90
C SER A 252 -6.83 38.31 -22.24
N ASP A 253 -5.54 38.47 -21.96
CA ASP A 253 -4.91 39.74 -22.25
C ASP A 253 -4.88 40.00 -23.77
N ASP A 254 -4.56 38.98 -24.54
CA ASP A 254 -4.56 39.10 -26.00
C ASP A 254 -5.98 39.35 -26.51
N TRP A 255 -6.95 38.65 -25.94
CA TRP A 255 -8.33 38.82 -26.36
C TRP A 255 -8.82 40.23 -26.07
N ALA A 256 -8.56 40.70 -24.85
CA ALA A 256 -8.99 42.02 -24.43
C ALA A 256 -8.41 43.08 -25.36
N TYR A 257 -7.13 42.94 -25.71
CA TYR A 257 -6.47 43.89 -26.58
C TYR A 257 -7.12 43.92 -27.95
N ASP A 258 -7.45 42.74 -28.48
CA ASP A 258 -8.07 42.65 -29.80
C ASP A 258 -9.50 43.13 -29.78
N GLN A 259 -10.06 43.30 -28.59
CA GLN A 259 -11.36 43.95 -28.45
C GLN A 259 -11.22 45.47 -28.56
N GLY A 260 -9.99 45.96 -28.51
CA GLY A 260 -9.75 47.38 -28.61
C GLY A 260 -9.26 48.02 -27.32
N ILE A 261 -9.05 47.21 -26.28
CA ILE A 261 -8.51 47.72 -25.03
C ILE A 261 -6.99 47.83 -25.18
N LYS A 262 -6.51 49.05 -25.36
CA LYS A 262 -5.15 49.27 -25.83
C LYS A 262 -4.10 49.00 -24.77
N TYR A 263 -4.49 49.09 -23.51
CA TYR A 263 -3.57 48.82 -22.41
C TYR A 263 -3.96 47.50 -21.75
N SER A 264 -3.23 46.45 -22.10
CA SER A 264 -3.56 45.11 -21.65
C SER A 264 -2.29 44.42 -21.16
N PHE A 265 -2.31 43.99 -19.90
CA PHE A 265 -1.10 43.48 -19.27
C PHE A 265 -1.41 42.24 -18.45
N THR A 266 -0.51 41.28 -18.50
CA THR A 266 -0.51 40.18 -17.55
C THR A 266 0.62 40.40 -16.54
N PHE A 267 0.27 40.46 -15.26
CA PHE A 267 1.26 40.53 -14.21
C PHE A 267 1.58 39.13 -13.70
N GLU A 268 2.87 38.86 -13.54
CA GLU A 268 3.33 37.65 -12.87
C GLU A 268 4.04 38.11 -11.60
N LEU A 269 3.46 37.82 -10.45
CA LEU A 269 4.00 38.34 -9.20
C LEU A 269 5.14 37.47 -8.69
N ARG A 270 5.57 37.72 -7.46
CA ARG A 270 6.65 36.95 -6.85
C ARG A 270 6.29 35.46 -6.80
N ASP A 271 7.29 34.58 -6.74
CA ASP A 271 8.68 34.96 -6.87
C ASP A 271 9.25 34.44 -8.19
N LYS A 272 10.48 33.95 -8.15
CA LYS A 272 11.13 33.48 -9.36
C LYS A 272 11.33 31.97 -9.31
N GLY A 273 10.72 31.33 -8.32
CA GLY A 273 10.71 29.89 -8.27
C GLY A 273 11.24 29.25 -7.00
N ARG A 274 11.79 30.06 -6.10
CA ARG A 274 12.26 29.51 -4.83
C ARG A 274 11.07 28.87 -4.10
N TYR A 275 9.94 29.58 -4.10
CA TYR A 275 8.72 29.07 -3.51
C TYR A 275 7.65 28.82 -4.56
N GLY A 276 7.79 29.47 -5.70
CA GLY A 276 6.83 29.28 -6.78
C GLY A 276 5.44 29.68 -6.34
N PHE A 277 4.47 28.80 -6.57
CA PHE A 277 3.09 29.07 -6.24
C PHE A 277 2.87 29.10 -4.74
N ILE A 278 3.78 28.48 -4.00
CA ILE A 278 3.61 28.37 -2.55
C ILE A 278 4.34 29.51 -1.87
N LEU A 279 4.01 30.73 -2.29
CA LEU A 279 4.63 31.92 -1.72
C LEU A 279 4.21 32.05 -0.26
N PRO A 280 5.18 32.15 0.65
CA PRO A 280 4.79 32.26 2.06
C PRO A 280 3.94 33.48 2.37
N GLU A 281 2.98 33.32 3.28
CA GLU A 281 2.13 34.42 3.70
C GLU A 281 2.96 35.61 4.19
N SER A 282 4.18 35.33 4.66
CA SER A 282 5.05 36.38 5.18
C SER A 282 5.47 37.36 4.09
N GLN A 283 5.28 36.98 2.83
CA GLN A 283 5.63 37.84 1.70
C GLN A 283 4.43 38.53 1.08
N ILE A 284 3.22 38.21 1.54
CA ILE A 284 2.02 38.81 0.97
C ILE A 284 2.06 40.34 1.02
N GLN A 285 2.37 40.90 2.19
CA GLN A 285 2.36 42.35 2.36
C GLN A 285 3.32 43.08 1.42
N ALA A 286 4.58 42.65 1.40
CA ALA A 286 5.59 43.31 0.58
C ALA A 286 5.27 43.13 -0.91
N THR A 287 4.87 41.92 -1.28
CA THR A 287 4.49 41.63 -2.65
C THR A 287 3.36 42.54 -3.13
N CYS A 288 2.32 42.66 -2.31
CA CYS A 288 1.17 43.47 -2.69
C CYS A 288 1.54 44.95 -2.72
N GLU A 289 2.35 45.39 -1.77
CA GLU A 289 2.72 46.80 -1.68
C GLU A 289 3.47 47.25 -2.92
N GLU A 290 4.46 46.48 -3.36
CA GLU A 290 5.23 46.87 -4.53
C GLU A 290 4.36 46.79 -5.79
N THR A 291 3.49 45.78 -5.84
CA THR A 291 2.60 45.62 -6.98
C THR A 291 1.63 46.79 -7.09
N MET A 292 1.16 47.28 -5.95
CA MET A 292 0.29 48.45 -5.92
C MET A 292 0.93 49.62 -6.66
N LEU A 293 2.25 49.80 -6.47
CA LEU A 293 2.94 50.91 -7.11
C LEU A 293 2.91 50.80 -8.63
N ALA A 294 3.09 49.58 -9.13
CA ALA A 294 3.07 49.36 -10.57
C ALA A 294 1.66 49.55 -11.12
N ILE A 295 0.66 49.07 -10.37
CA ILE A 295 -0.73 49.21 -10.81
C ILE A 295 -1.16 50.66 -10.80
N LYS A 296 -0.74 51.40 -9.78
CA LYS A 296 -1.08 52.81 -9.70
C LYS A 296 -0.36 53.63 -10.76
N TYR A 297 0.88 53.25 -11.08
CA TYR A 297 1.60 53.93 -12.15
C TYR A 297 0.85 53.76 -13.46
N VAL A 298 0.45 52.54 -13.77
CA VAL A 298 -0.27 52.27 -15.01
C VAL A 298 -1.58 53.03 -15.04
N THR A 299 -2.27 53.06 -13.90
CA THR A 299 -3.54 53.78 -13.80
C THR A 299 -3.33 55.26 -14.09
N ASN A 300 -2.27 55.83 -13.50
CA ASN A 300 -1.99 57.25 -13.68
C ASN A 300 -1.72 57.56 -15.15
N TYR A 301 -1.02 56.65 -15.81
CA TYR A 301 -0.67 56.82 -17.21
C TYR A 301 -1.93 56.74 -18.07
N VAL A 302 -2.76 55.74 -17.81
CA VAL A 302 -3.98 55.56 -18.58
C VAL A 302 -4.90 56.77 -18.42
N LEU A 303 -4.96 57.32 -17.22
CA LEU A 303 -5.80 58.49 -16.97
C LEU A 303 -5.33 59.69 -17.77
N GLY A 304 -4.02 59.83 -17.92
CA GLY A 304 -3.47 60.94 -18.68
C GLY A 304 -3.53 60.71 -20.17
N HIS A 305 -4.11 59.58 -20.57
CA HIS A 305 -4.24 59.24 -21.99
C HIS A 305 -5.66 58.78 -22.32
N LEU A 306 -6.65 59.54 -21.84
CA LEU A 306 -8.04 59.23 -22.12
C LEU A 306 -8.55 60.01 -23.33
N GLY B 3 13.08 16.72 -16.91
CA GLY B 3 12.95 15.85 -18.07
C GLY B 3 12.81 14.39 -17.69
N HIS B 4 12.16 13.63 -18.56
CA HIS B 4 11.95 12.20 -18.31
C HIS B 4 13.19 11.39 -18.67
N SER B 5 13.54 10.42 -17.83
CA SER B 5 14.58 9.44 -18.16
C SER B 5 14.09 8.03 -17.81
N TYR B 6 14.42 7.06 -18.65
CA TYR B 6 14.05 5.68 -18.38
C TYR B 6 15.01 5.00 -17.40
N GLU B 7 16.17 5.61 -17.16
CA GLU B 7 17.13 5.06 -16.20
C GLU B 7 17.23 5.92 -14.95
N LYS B 8 16.19 6.70 -14.71
CA LYS B 8 16.03 7.42 -13.44
C LYS B 8 14.61 7.28 -12.95
N TYR B 9 14.40 7.50 -11.66
CA TYR B 9 13.05 7.55 -11.13
C TYR B 9 12.48 8.93 -11.38
N ASN B 10 11.30 8.98 -12.00
CA ASN B 10 10.67 10.24 -12.38
C ASN B 10 9.53 10.59 -11.45
N ASN B 11 9.39 11.86 -11.08
CA ASN B 11 8.28 12.28 -10.24
C ASN B 11 6.99 12.22 -11.05
N TRP B 12 5.85 12.34 -10.37
CA TRP B 12 4.57 12.18 -11.05
C TRP B 12 4.35 13.18 -12.17
N GLU B 13 4.67 14.46 -11.91
CA GLU B 13 4.49 15.48 -12.93
C GLU B 13 5.21 15.04 -14.21
N THR B 14 6.41 14.49 -14.07
CA THR B 14 7.19 14.02 -15.20
C THR B 14 6.59 12.77 -15.84
N ILE B 15 6.16 11.83 -15.02
CA ILE B 15 5.51 10.63 -15.55
C ILE B 15 4.23 11.02 -16.30
N GLU B 16 3.47 11.94 -15.74
CA GLU B 16 2.25 12.38 -16.40
C GLU B 16 2.56 13.00 -17.77
N ALA B 17 3.54 13.89 -17.80
CA ALA B 17 3.94 14.52 -19.06
C ALA B 17 4.37 13.44 -20.05
N TRP B 18 5.06 12.43 -19.53
CA TRP B 18 5.53 11.33 -20.36
C TRP B 18 4.38 10.53 -20.98
N THR B 19 3.31 10.31 -20.22
CA THR B 19 2.20 9.56 -20.77
C THR B 19 1.62 10.29 -21.98
N LYS B 20 1.54 11.61 -21.91
CA LYS B 20 1.05 12.39 -23.03
C LYS B 20 2.03 12.34 -24.21
N GLN B 21 3.32 12.47 -23.90
CA GLN B 21 4.34 12.53 -24.94
C GLN B 21 4.44 11.21 -25.72
N VAL B 22 4.61 10.11 -24.99
CA VAL B 22 4.82 8.83 -25.64
C VAL B 22 3.59 8.46 -26.45
N THR B 23 2.41 8.86 -25.97
CA THR B 23 1.18 8.61 -26.70
C THR B 23 1.13 9.45 -27.97
N SER B 24 1.39 10.75 -27.82
CA SER B 24 1.36 11.68 -28.94
C SER B 24 2.33 11.28 -30.05
N GLU B 25 3.48 10.72 -29.65
CA GLU B 25 4.50 10.32 -30.61
C GLU B 25 4.21 8.98 -31.25
N ASN B 26 3.30 8.21 -30.66
CA ASN B 26 3.04 6.84 -31.11
C ASN B 26 1.55 6.51 -31.18
N PRO B 27 0.75 7.36 -31.85
CA PRO B 27 -0.69 7.15 -31.82
C PRO B 27 -1.14 5.88 -32.53
N ASP B 28 -0.26 5.33 -33.36
CA ASP B 28 -0.54 4.10 -34.07
C ASP B 28 -0.33 2.86 -33.20
N LEU B 29 0.27 3.04 -32.02
CA LEU B 29 0.48 1.91 -31.11
C LEU B 29 -0.02 2.14 -29.70
N ILE B 30 -0.27 3.40 -29.34
CA ILE B 30 -0.67 3.75 -27.99
C ILE B 30 -1.88 4.67 -27.98
N SER B 31 -2.89 4.33 -27.21
CA SER B 31 -3.93 5.29 -26.87
C SER B 31 -3.96 5.47 -25.35
N ARG B 32 -4.13 6.72 -24.92
CA ARG B 32 -4.19 7.02 -23.49
C ARG B 32 -5.60 7.41 -23.06
N THR B 33 -6.06 6.82 -21.97
CA THR B 33 -7.27 7.29 -21.31
C THR B 33 -6.98 7.52 -19.83
N ALA B 34 -7.92 8.13 -19.14
CA ALA B 34 -7.91 8.10 -17.67
C ALA B 34 -9.07 7.23 -17.25
N ILE B 35 -8.87 6.40 -16.24
CA ILE B 35 -9.93 5.49 -15.80
C ILE B 35 -10.57 6.00 -14.52
N GLY B 36 -10.11 7.16 -14.06
CA GLY B 36 -10.65 7.72 -12.83
C GLY B 36 -9.75 8.79 -12.25
N THR B 37 -10.10 9.27 -11.07
CA THR B 37 -9.28 10.24 -10.36
C THR B 37 -8.90 9.71 -8.98
N THR B 38 -7.74 10.11 -8.49
CA THR B 38 -7.30 9.72 -7.16
C THR B 38 -8.06 10.51 -6.11
N PHE B 39 -7.83 10.18 -4.84
CA PHE B 39 -8.42 10.91 -3.74
C PHE B 39 -8.07 12.40 -3.86
N LEU B 40 -6.86 12.71 -4.31
CA LEU B 40 -6.39 14.08 -4.38
C LEU B 40 -6.61 14.69 -5.76
N GLY B 41 -7.33 13.99 -6.63
CA GLY B 41 -7.75 14.57 -7.89
C GLY B 41 -6.77 14.42 -9.05
N ASN B 42 -5.79 13.54 -8.90
CA ASN B 42 -4.87 13.26 -10.00
C ASN B 42 -5.47 12.25 -10.97
N ASN B 43 -5.04 12.31 -12.23
CA ASN B 43 -5.63 11.50 -13.30
C ASN B 43 -5.00 10.12 -13.34
N ILE B 44 -5.82 9.07 -13.24
CA ILE B 44 -5.29 7.71 -13.27
C ILE B 44 -5.19 7.25 -14.73
N TYR B 45 -4.00 7.42 -15.32
CA TYR B 45 -3.81 7.12 -16.72
C TYR B 45 -3.69 5.63 -16.99
N LEU B 46 -4.23 5.24 -18.13
CA LEU B 46 -4.07 3.88 -18.64
C LEU B 46 -3.62 3.98 -20.08
N LEU B 47 -2.57 3.24 -20.42
CA LEU B 47 -2.06 3.21 -21.78
C LEU B 47 -2.45 1.91 -22.46
N LYS B 48 -3.17 2.01 -23.56
CA LYS B 48 -3.52 0.83 -24.35
C LYS B 48 -2.48 0.66 -25.44
N VAL B 49 -1.62 -0.35 -25.28
CA VAL B 49 -0.49 -0.53 -26.17
C VAL B 49 -0.73 -1.71 -27.09
N GLY B 50 -0.73 -1.45 -28.39
CA GLY B 50 -0.98 -2.51 -29.35
C GLY B 50 -1.45 -1.92 -30.67
N LYS B 51 -1.42 -2.73 -31.71
CA LYS B 51 -1.89 -2.29 -33.02
C LYS B 51 -3.40 -2.40 -33.05
N PRO B 52 -4.10 -1.26 -33.22
CA PRO B 52 -5.55 -1.31 -33.11
C PRO B 52 -6.19 -2.29 -34.08
N GLY B 53 -7.17 -3.04 -33.57
CA GLY B 53 -7.88 -4.02 -34.38
C GLY B 53 -9.12 -4.50 -33.65
N PRO B 54 -10.04 -5.16 -34.34
CA PRO B 54 -11.30 -5.66 -33.75
C PRO B 54 -11.11 -6.91 -32.89
N ASN B 55 -11.91 -7.00 -31.83
CA ASN B 55 -12.04 -8.23 -31.07
C ASN B 55 -10.73 -8.74 -30.49
N LYS B 56 -9.85 -7.83 -30.10
CA LYS B 56 -8.54 -8.22 -29.56
C LYS B 56 -8.58 -8.61 -28.09
N PRO B 57 -7.96 -9.75 -27.75
CA PRO B 57 -7.76 -10.10 -26.34
C PRO B 57 -6.75 -9.12 -25.73
N ALA B 58 -6.65 -9.11 -24.42
CA ALA B 58 -5.79 -8.15 -23.75
C ALA B 58 -5.05 -8.75 -22.55
N ILE B 59 -3.88 -8.18 -22.26
CA ILE B 59 -3.21 -8.42 -20.99
C ILE B 59 -3.19 -7.09 -20.23
N PHE B 60 -3.57 -7.15 -18.95
CA PHE B 60 -3.60 -5.95 -18.14
C PHE B 60 -2.42 -5.96 -17.16
N MET B 61 -1.66 -4.87 -17.14
CA MET B 61 -0.51 -4.77 -16.24
C MET B 61 -0.51 -3.42 -15.53
N ASP B 62 -0.34 -3.43 -14.22
CA ASP B 62 -0.20 -2.19 -13.48
C ASP B 62 1.09 -2.11 -12.67
N CYS B 63 1.51 -0.89 -12.38
CA CYS B 63 2.66 -0.63 -11.51
C CYS B 63 2.25 0.38 -10.43
N GLY B 64 3.06 0.48 -9.39
CA GLY B 64 2.90 1.56 -8.44
C GLY B 64 1.68 1.49 -7.53
N PHE B 65 1.23 0.27 -7.22
CA PHE B 65 0.27 0.08 -6.14
C PHE B 65 0.83 0.70 -4.86
N HIS B 66 2.09 0.39 -4.57
CA HIS B 66 2.72 0.81 -3.33
C HIS B 66 3.75 1.90 -3.57
N ALA B 67 3.60 3.00 -2.86
CA ALA B 67 4.22 4.26 -3.22
C ALA B 67 5.75 4.17 -3.25
N ARG B 68 6.32 3.49 -2.26
CA ARG B 68 7.78 3.45 -2.10
C ARG B 68 8.48 2.48 -3.04
N GLU B 69 7.71 1.68 -3.78
CA GLU B 69 8.30 0.66 -4.64
C GLU B 69 8.64 1.24 -6.02
N TRP B 70 9.59 2.17 -6.02
CA TRP B 70 9.85 3.00 -7.19
C TRP B 70 10.29 2.25 -8.44
N ILE B 71 10.88 1.07 -8.27
CA ILE B 71 11.32 0.32 -9.44
C ILE B 71 10.10 -0.22 -10.20
N SER B 72 8.98 -0.35 -9.50
CA SER B 72 7.75 -0.78 -10.14
C SER B 72 7.33 0.23 -11.20
N HIS B 73 7.20 1.49 -10.79
CA HIS B 73 6.80 2.56 -11.71
C HIS B 73 7.77 2.59 -12.87
N ALA B 74 9.06 2.47 -12.56
CA ALA B 74 10.08 2.52 -13.59
C ALA B 74 9.85 1.44 -14.64
N PHE B 75 9.44 0.25 -14.21
CA PHE B 75 9.28 -0.84 -15.16
C PHE B 75 8.15 -0.59 -16.18
N CYS B 76 7.00 -0.11 -15.73
CA CYS B 76 5.90 0.11 -16.67
C CYS B 76 6.33 1.08 -17.76
N GLN B 77 7.10 2.09 -17.38
CA GLN B 77 7.60 3.05 -18.36
C GLN B 77 8.55 2.35 -19.34
N TRP B 78 9.48 1.57 -18.80
CA TRP B 78 10.43 0.81 -19.62
C TRP B 78 9.71 -0.08 -20.63
N PHE B 79 8.68 -0.78 -20.17
CA PHE B 79 7.93 -1.69 -21.00
C PHE B 79 7.32 -1.00 -22.22
N VAL B 80 6.73 0.17 -21.99
CA VAL B 80 6.06 0.88 -23.06
C VAL B 80 7.04 1.29 -24.16
N ARG B 81 8.22 1.77 -23.77
CA ARG B 81 9.21 2.14 -24.77
C ARG B 81 9.68 0.93 -25.58
N GLU B 82 9.97 -0.16 -24.90
CA GLU B 82 10.43 -1.36 -25.57
C GLU B 82 9.37 -1.80 -26.58
N ALA B 83 8.10 -1.71 -26.17
CA ALA B 83 7.01 -2.09 -27.06
C ALA B 83 7.01 -1.29 -28.35
N VAL B 84 7.02 0.03 -28.23
CA VAL B 84 6.91 0.88 -29.42
C VAL B 84 8.17 0.87 -30.28
N LEU B 85 9.33 0.73 -29.64
CA LEU B 85 10.59 0.74 -30.38
C LEU B 85 10.81 -0.54 -31.19
N THR B 86 10.42 -1.69 -30.63
CA THR B 86 10.71 -2.96 -31.28
C THR B 86 9.56 -3.46 -32.15
N TYR B 87 8.40 -2.83 -32.06
CA TYR B 87 7.29 -3.26 -32.89
C TYR B 87 7.66 -3.16 -34.37
N GLY B 88 7.51 -4.26 -35.08
CA GLY B 88 7.87 -4.29 -36.49
C GLY B 88 9.24 -4.89 -36.73
N TYR B 89 10.02 -5.04 -35.67
CA TYR B 89 11.40 -5.52 -35.81
C TYR B 89 11.67 -6.80 -35.04
N GLU B 90 11.27 -6.84 -33.78
CA GLU B 90 11.36 -8.07 -33.01
C GLU B 90 10.07 -8.84 -33.23
N SER B 91 10.18 -10.06 -33.74
CA SER B 91 9.01 -10.77 -34.25
C SER B 91 8.01 -11.10 -33.14
N HIS B 92 8.49 -11.41 -31.95
CA HIS B 92 7.58 -11.78 -30.88
C HIS B 92 6.76 -10.58 -30.41
N MET B 93 7.43 -9.46 -30.13
CA MET B 93 6.70 -8.26 -29.71
C MET B 93 5.78 -7.79 -30.83
N THR B 94 6.21 -7.98 -32.07
CA THR B 94 5.36 -7.61 -33.21
C THR B 94 4.10 -8.46 -33.21
N GLU B 95 4.26 -9.76 -33.02
CA GLU B 95 3.11 -10.65 -32.95
C GLU B 95 2.22 -10.24 -31.77
N PHE B 96 2.86 -9.96 -30.63
CA PHE B 96 2.10 -9.61 -29.43
C PHE B 96 1.16 -8.44 -29.73
N LEU B 97 1.71 -7.36 -30.27
CA LEU B 97 0.95 -6.13 -30.44
C LEU B 97 -0.06 -6.24 -31.57
N ASN B 98 0.17 -7.17 -32.49
CA ASN B 98 -0.79 -7.41 -33.57
C ASN B 98 -1.98 -8.21 -33.08
N LYS B 99 -1.72 -9.20 -32.23
CA LYS B 99 -2.76 -10.13 -31.77
C LYS B 99 -3.48 -9.67 -30.51
N LEU B 100 -2.79 -8.93 -29.64
CA LEU B 100 -3.42 -8.49 -28.41
C LEU B 100 -3.10 -7.06 -28.04
N ASP B 101 -3.77 -6.56 -27.00
CA ASP B 101 -3.47 -5.25 -26.45
C ASP B 101 -2.89 -5.42 -25.05
N PHE B 102 -1.92 -4.59 -24.71
CA PHE B 102 -1.47 -4.46 -23.32
C PHE B 102 -2.13 -3.22 -22.75
N TYR B 103 -2.90 -3.38 -21.69
CA TYR B 103 -3.33 -2.23 -20.91
C TYR B 103 -2.29 -1.98 -19.83
N VAL B 104 -1.56 -0.89 -19.96
CA VAL B 104 -0.51 -0.57 -18.99
C VAL B 104 -0.94 0.61 -18.12
N LEU B 105 -1.06 0.35 -16.82
CA LEU B 105 -1.40 1.40 -15.87
C LEU B 105 -0.12 1.77 -15.12
N PRO B 106 0.53 2.86 -15.53
CA PRO B 106 1.90 3.19 -15.10
C PRO B 106 2.03 3.47 -13.60
N VAL B 107 1.03 4.11 -13.02
CA VAL B 107 1.02 4.39 -11.58
C VAL B 107 -0.41 4.40 -11.07
N LEU B 108 -0.75 3.41 -10.24
CA LEU B 108 -2.09 3.38 -9.66
C LEU B 108 -2.20 4.36 -8.49
N ASN B 109 -1.32 4.19 -7.51
CA ASN B 109 -1.37 4.98 -6.29
C ASN B 109 -0.55 6.26 -6.45
N ILE B 110 -1.10 7.19 -7.23
CA ILE B 110 -0.41 8.42 -7.59
C ILE B 110 -0.19 9.33 -6.37
N ASP B 111 -1.20 9.45 -5.52
CA ASP B 111 -1.11 10.35 -4.38
C ASP B 111 0.01 9.90 -3.45
N GLY B 112 0.04 8.60 -3.17
CA GLY B 112 1.10 8.06 -2.33
C GLY B 112 2.47 8.27 -2.94
N TYR B 113 2.57 8.08 -4.25
CA TYR B 113 3.85 8.24 -4.94
C TYR B 113 4.39 9.65 -4.77
N ILE B 114 3.51 10.64 -4.98
CA ILE B 114 3.89 12.03 -4.78
C ILE B 114 4.39 12.27 -3.36
N TYR B 115 3.73 11.66 -2.40
CA TYR B 115 4.12 11.79 -1.00
C TYR B 115 5.51 11.22 -0.73
N THR B 116 5.90 10.16 -1.44
CA THR B 116 7.25 9.60 -1.26
C THR B 116 8.33 10.52 -1.84
N TRP B 117 7.93 11.39 -2.76
CA TRP B 117 8.85 12.38 -3.32
C TRP B 117 8.95 13.65 -2.47
N THR B 118 7.89 13.96 -1.74
CA THR B 118 7.79 15.25 -1.06
C THR B 118 7.98 15.20 0.45
N LYS B 119 7.61 14.08 1.08
CA LYS B 119 7.52 14.04 2.53
C LYS B 119 8.20 12.83 3.16
N ASN B 120 7.94 11.65 2.61
CA ASN B 120 8.33 10.41 3.26
C ASN B 120 8.59 9.32 2.21
N ARG B 121 9.86 9.03 1.98
CA ARG B 121 10.28 8.09 0.95
C ARG B 121 9.74 6.67 1.19
N MET B 122 9.40 6.39 2.44
CA MET B 122 8.99 5.04 2.82
C MET B 122 7.48 4.86 2.95
N TRP B 123 6.72 5.85 2.49
CA TRP B 123 5.27 5.73 2.48
C TRP B 123 4.84 4.59 1.56
N ARG B 124 3.75 3.93 1.92
CA ARG B 124 3.28 2.75 1.19
C ARG B 124 1.86 2.96 0.67
N LYS B 125 0.99 3.47 1.55
CA LYS B 125 -0.44 3.47 1.30
C LYS B 125 -0.90 4.61 0.40
N THR B 126 -2.21 4.71 0.23
CA THR B 126 -2.80 5.88 -0.40
C THR B 126 -2.73 7.07 0.55
N ARG B 127 -3.33 8.19 0.16
CA ARG B 127 -3.30 9.39 0.99
C ARG B 127 -4.69 9.88 1.38
N SER B 128 -5.68 8.99 1.36
CA SER B 128 -7.04 9.36 1.73
C SER B 128 -7.20 9.48 3.24
N THR B 129 -8.18 10.26 3.67
CA THR B 129 -8.43 10.47 5.09
C THR B 129 -9.26 9.33 5.68
N ASN B 130 -9.21 9.19 7.00
CA ASN B 130 -9.93 8.14 7.69
C ASN B 130 -10.73 8.72 8.83
N ALA B 131 -11.98 8.30 8.95
CA ALA B 131 -12.87 8.81 9.97
C ALA B 131 -12.34 8.50 11.37
N GLY B 132 -12.39 9.49 12.25
CA GLY B 132 -12.12 9.25 13.66
C GLY B 132 -10.65 9.12 14.00
N THR B 133 -9.78 9.51 13.07
CA THR B 133 -8.33 9.43 13.30
C THR B 133 -7.58 10.42 12.41
N THR B 134 -6.34 10.74 12.78
CA THR B 134 -5.50 11.57 11.94
C THR B 134 -4.62 10.70 11.04
N CYS B 135 -4.69 9.40 11.21
CA CYS B 135 -3.93 8.49 10.38
C CYS B 135 -4.44 8.47 8.95
N ILE B 136 -3.51 8.49 8.00
CA ILE B 136 -3.84 8.63 6.60
C ILE B 136 -3.61 7.35 5.81
N GLY B 137 -4.52 7.06 4.88
CA GLY B 137 -4.22 6.10 3.84
C GLY B 137 -4.71 4.68 4.06
N THR B 138 -4.96 4.01 2.94
CA THR B 138 -5.35 2.60 2.91
C THR B 138 -4.33 1.86 2.06
N ASP B 139 -4.06 0.60 2.41
CA ASP B 139 -3.20 -0.23 1.59
C ASP B 139 -4.00 -0.69 0.39
N PRO B 140 -3.68 -0.19 -0.80
CA PRO B 140 -4.48 -0.54 -1.97
C PRO B 140 -4.52 -2.05 -2.23
N ASN B 141 -3.44 -2.75 -1.89
CA ASN B 141 -3.41 -4.18 -2.10
C ASN B 141 -3.97 -4.97 -0.93
N ARG B 142 -4.73 -4.28 -0.08
CA ARG B 142 -5.59 -4.95 0.88
C ARG B 142 -7.05 -4.51 0.68
N ASN B 143 -7.30 -3.77 -0.41
CA ASN B 143 -8.57 -3.07 -0.56
C ASN B 143 -9.47 -3.69 -1.64
N PHE B 144 -9.04 -4.80 -2.22
CA PHE B 144 -9.84 -5.47 -3.23
C PHE B 144 -10.75 -6.55 -2.63
N ASP B 145 -11.79 -6.91 -3.38
CA ASP B 145 -12.83 -7.81 -2.93
C ASP B 145 -12.37 -9.26 -3.10
N ALA B 146 -11.31 -9.62 -2.40
CA ALA B 146 -10.79 -10.98 -2.43
C ALA B 146 -10.55 -11.44 -0.99
N GLY B 147 -11.50 -12.22 -0.46
CA GLY B 147 -11.50 -12.51 0.96
C GLY B 147 -11.28 -11.27 1.80
N TRP B 148 -11.93 -10.18 1.41
CA TRP B 148 -11.52 -8.86 1.89
C TRP B 148 -11.39 -8.76 3.41
N CYS B 149 -10.22 -8.29 3.84
CA CYS B 149 -9.89 -7.97 5.23
C CYS B 149 -10.10 -9.13 6.21
N THR B 150 -9.99 -10.36 5.72
CA THR B 150 -10.21 -11.51 6.59
C THR B 150 -8.92 -12.04 7.20
N THR B 151 -7.79 -11.71 6.59
CA THR B 151 -6.51 -12.18 7.11
C THR B 151 -5.35 -11.35 6.55
N GLY B 152 -4.26 -11.27 7.31
CA GLY B 152 -3.06 -10.62 6.81
C GLY B 152 -3.29 -9.16 6.48
N ALA B 153 -4.27 -8.56 7.14
CA ALA B 153 -4.61 -7.16 6.94
C ALA B 153 -4.99 -6.57 8.28
N SER B 154 -4.99 -5.24 8.36
CA SER B 154 -5.34 -4.57 9.61
C SER B 154 -6.62 -3.76 9.45
N THR B 155 -7.40 -3.71 10.52
CA THR B 155 -8.58 -2.85 10.56
C THR B 155 -8.23 -1.51 11.21
N ASP B 156 -6.96 -1.35 11.57
CA ASP B 156 -6.49 -0.09 12.13
C ASP B 156 -6.00 0.81 11.00
N PRO B 157 -6.63 1.97 10.82
CA PRO B 157 -6.23 2.92 9.78
C PRO B 157 -4.79 3.39 9.89
N CYS B 158 -4.20 3.22 11.07
CA CYS B 158 -2.83 3.65 11.30
C CYS B 158 -1.78 2.66 10.81
N ASP B 159 -2.22 1.46 10.45
CA ASP B 159 -1.30 0.40 10.06
C ASP B 159 -1.01 0.39 8.56
N GLU B 160 0.15 -0.17 8.20
CA GLU B 160 0.60 -0.18 6.81
C GLU B 160 -0.27 -1.06 5.93
N THR B 161 -0.96 -2.01 6.54
CA THR B 161 -1.82 -2.91 5.76
C THR B 161 -3.30 -2.67 6.03
N TYR B 162 -3.64 -1.44 6.40
CA TYR B 162 -5.04 -1.09 6.63
C TYR B 162 -5.86 -1.44 5.41
N CYS B 163 -6.95 -2.16 5.61
CA CYS B 163 -7.69 -2.72 4.50
C CYS B 163 -8.80 -1.79 3.98
N GLY B 164 -8.97 -0.66 4.66
CA GLY B 164 -9.99 0.29 4.25
C GLY B 164 -11.31 0.03 4.93
N SER B 165 -12.31 0.86 4.65
CA SER B 165 -13.61 0.72 5.31
C SER B 165 -14.47 -0.35 4.66
N ALA B 166 -14.24 -0.59 3.37
CA ALA B 166 -14.90 -1.66 2.65
C ALA B 166 -14.04 -1.98 1.44
N ALA B 167 -14.26 -3.12 0.81
CA ALA B 167 -13.58 -3.42 -0.44
C ALA B 167 -13.88 -2.30 -1.43
N GLU B 168 -12.84 -1.83 -2.13
CA GLU B 168 -12.97 -0.77 -3.13
C GLU B 168 -13.43 0.56 -2.55
N SER B 169 -13.17 0.76 -1.27
CA SER B 169 -13.46 2.04 -0.63
C SER B 169 -12.57 3.15 -1.17
N GLU B 170 -11.41 2.78 -1.73
CA GLU B 170 -10.51 3.77 -2.31
C GLU B 170 -10.90 4.08 -3.75
N LYS B 171 -10.86 5.35 -4.13
CA LYS B 171 -11.18 5.72 -5.51
C LYS B 171 -10.29 5.01 -6.52
N GLU B 172 -9.04 4.78 -6.17
CA GLU B 172 -8.09 4.19 -7.09
C GLU B 172 -8.38 2.73 -7.39
N THR B 173 -8.70 1.97 -6.34
CA THR B 173 -8.95 0.54 -6.51
C THR B 173 -10.33 0.33 -7.15
N LYS B 174 -11.29 1.16 -6.76
CA LYS B 174 -12.59 1.15 -7.41
C LYS B 174 -12.42 1.40 -8.90
N ALA B 175 -11.57 2.36 -9.26
CA ALA B 175 -11.35 2.69 -10.66
C ALA B 175 -10.76 1.51 -11.42
N LEU B 176 -9.76 0.86 -10.82
CA LEU B 176 -9.12 -0.28 -11.46
C LEU B 176 -10.11 -1.43 -11.60
N ALA B 177 -10.83 -1.72 -10.52
CA ALA B 177 -11.77 -2.83 -10.51
C ALA B 177 -12.88 -2.58 -11.51
N ASP B 178 -13.37 -1.34 -11.54
CA ASP B 178 -14.39 -0.94 -12.51
C ASP B 178 -13.92 -1.20 -13.93
N PHE B 179 -12.68 -0.80 -14.23
CA PHE B 179 -12.19 -0.95 -15.59
C PHE B 179 -12.10 -2.41 -15.98
N ILE B 180 -11.58 -3.24 -15.09
CA ILE B 180 -11.41 -4.64 -15.42
C ILE B 180 -12.76 -5.34 -15.55
N ARG B 181 -13.71 -5.01 -14.68
CA ARG B 181 -15.06 -5.57 -14.81
C ARG B 181 -15.67 -5.19 -16.16
N ASN B 182 -15.45 -3.96 -16.59
CA ASN B 182 -16.04 -3.48 -17.84
C ASN B 182 -15.39 -4.12 -19.08
N ASN B 183 -14.23 -4.74 -18.88
CA ASN B 183 -13.49 -5.32 -20.00
C ASN B 183 -13.12 -6.79 -19.78
N LEU B 184 -13.84 -7.46 -18.89
CA LEU B 184 -13.50 -8.82 -18.49
C LEU B 184 -13.36 -9.77 -19.67
N SER B 185 -14.30 -9.70 -20.61
CA SER B 185 -14.34 -10.65 -21.70
C SER B 185 -13.04 -10.68 -22.47
N SER B 186 -12.33 -9.56 -22.50
CA SER B 186 -11.13 -9.44 -23.31
C SER B 186 -9.83 -9.64 -22.55
N ILE B 187 -9.84 -9.38 -21.25
CA ILE B 187 -8.62 -9.48 -20.45
C ILE B 187 -8.31 -10.92 -20.06
N LYS B 188 -7.18 -11.44 -20.55
CA LYS B 188 -6.84 -12.85 -20.38
C LYS B 188 -5.74 -13.06 -19.34
N ALA B 189 -5.00 -12.00 -19.02
CA ALA B 189 -3.99 -12.07 -17.98
C ALA B 189 -3.91 -10.78 -17.18
N TYR B 190 -3.56 -10.90 -15.92
CA TYR B 190 -3.40 -9.76 -15.03
C TYR B 190 -2.01 -9.82 -14.39
N LEU B 191 -1.23 -8.76 -14.54
CA LEU B 191 0.13 -8.71 -14.02
C LEU B 191 0.27 -7.46 -13.17
N THR B 192 0.66 -7.61 -11.92
CA THR B 192 0.79 -6.45 -11.04
C THR B 192 2.22 -6.36 -10.47
N ILE B 193 2.85 -5.22 -10.69
CA ILE B 193 4.29 -5.10 -10.47
C ILE B 193 4.60 -4.43 -9.13
N HIS B 194 5.40 -5.11 -8.31
CA HIS B 194 5.79 -4.62 -6.99
C HIS B 194 7.30 -4.80 -6.82
N SER B 195 7.83 -4.32 -5.70
CA SER B 195 9.15 -4.75 -5.21
C SER B 195 9.09 -4.72 -3.67
N TYR B 196 10.03 -5.37 -3.00
CA TYR B 196 11.11 -6.15 -3.60
C TYR B 196 10.98 -7.59 -3.09
N SER B 197 11.82 -8.48 -3.61
CA SER B 197 11.98 -9.85 -3.10
C SER B 197 12.42 -10.82 -4.20
N GLN B 198 12.31 -10.37 -5.45
CA GLN B 198 12.60 -11.23 -6.59
C GLN B 198 11.78 -12.52 -6.53
N MET B 199 10.47 -12.37 -6.75
CA MET B 199 9.57 -13.52 -6.78
C MET B 199 8.49 -13.29 -7.84
N ILE B 200 7.95 -14.39 -8.36
CA ILE B 200 6.68 -14.34 -9.08
C ILE B 200 5.66 -15.12 -8.27
N LEU B 201 4.60 -14.45 -7.85
CA LEU B 201 3.57 -15.07 -7.06
C LEU B 201 2.27 -15.16 -7.85
N TYR B 202 1.45 -16.15 -7.53
CA TYR B 202 0.11 -16.24 -8.09
C TYR B 202 -0.85 -16.66 -6.97
N PRO B 203 -2.16 -16.70 -7.25
CA PRO B 203 -3.13 -16.95 -6.18
C PRO B 203 -2.91 -18.31 -5.51
N TYR B 204 -3.35 -18.46 -4.26
CA TYR B 204 -4.02 -17.40 -3.52
C TYR B 204 -3.18 -16.87 -2.36
N SER B 205 -3.49 -15.65 -1.94
CA SER B 205 -2.93 -15.11 -0.71
C SER B 205 -3.96 -14.94 0.41
N TYR B 206 -5.23 -14.79 0.05
CA TYR B 206 -6.22 -14.60 1.09
C TYR B 206 -6.66 -15.93 1.73
N ASP B 207 -6.25 -17.03 1.12
CA ASP B 207 -6.46 -18.36 1.68
C ASP B 207 -5.29 -19.24 1.26
N TYR B 208 -5.05 -20.33 1.97
CA TYR B 208 -4.01 -21.27 1.55
C TYR B 208 -4.52 -22.23 0.48
N LYS B 209 -5.80 -22.14 0.17
CA LYS B 209 -6.37 -22.97 -0.88
C LYS B 209 -5.62 -22.73 -2.19
N LEU B 210 -5.54 -23.75 -3.02
CA LEU B 210 -4.85 -23.62 -4.31
C LEU B 210 -5.84 -23.29 -5.41
N PRO B 211 -5.41 -22.53 -6.42
CA PRO B 211 -6.22 -22.29 -7.61
C PRO B 211 -6.34 -23.58 -8.41
N GLU B 212 -7.43 -23.73 -9.15
CA GLU B 212 -7.64 -24.96 -9.90
C GLU B 212 -6.56 -25.20 -10.95
N ASN B 213 -6.00 -24.14 -11.53
CA ASN B 213 -4.88 -24.31 -12.44
C ASN B 213 -3.53 -24.09 -11.78
N ASN B 214 -3.42 -24.50 -10.52
CA ASN B 214 -2.19 -24.33 -9.76
C ASN B 214 -0.96 -24.90 -10.47
N ALA B 215 -1.10 -26.09 -11.02
CA ALA B 215 0.02 -26.78 -11.65
C ALA B 215 0.50 -26.02 -12.87
N GLU B 216 -0.45 -25.57 -13.69
CA GLU B 216 -0.11 -24.78 -14.87
C GLU B 216 0.57 -23.47 -14.47
N LEU B 217 0.03 -22.81 -13.46
CA LEU B 217 0.59 -21.53 -13.01
C LEU B 217 1.99 -21.74 -12.44
N ASN B 218 2.18 -22.83 -11.71
CA ASN B 218 3.47 -23.11 -11.13
C ASN B 218 4.51 -23.38 -12.21
N ASN B 219 4.11 -24.13 -13.23
CA ASN B 219 5.01 -24.45 -14.33
C ASN B 219 5.38 -23.20 -15.11
N LEU B 220 4.40 -22.33 -15.31
CA LEU B 220 4.61 -21.10 -16.06
C LEU B 220 5.54 -20.15 -15.32
N ALA B 221 5.34 -20.03 -13.99
CA ALA B 221 6.22 -19.19 -13.18
C ALA B 221 7.64 -19.75 -13.17
N LYS B 222 7.76 -21.07 -13.04
CA LYS B 222 9.06 -21.71 -13.06
C LYS B 222 9.81 -21.43 -14.36
N ALA B 223 9.08 -21.45 -15.47
CA ALA B 223 9.70 -21.21 -16.78
C ALA B 223 10.06 -19.73 -16.93
N ALA B 224 9.21 -18.87 -16.39
CA ALA B 224 9.44 -17.44 -16.47
C ALA B 224 10.68 -17.00 -15.69
N VAL B 225 10.89 -17.57 -14.50
CA VAL B 225 12.04 -17.19 -13.69
C VAL B 225 13.32 -17.74 -14.31
N LYS B 226 13.22 -18.90 -14.95
CA LYS B 226 14.36 -19.44 -15.69
C LYS B 226 14.74 -18.49 -16.82
N GLU B 227 13.74 -18.04 -17.57
CA GLU B 227 13.98 -17.09 -18.65
C GLU B 227 14.61 -15.79 -18.15
N LEU B 228 14.12 -15.29 -17.03
CA LEU B 228 14.63 -14.03 -16.47
C LEU B 228 16.11 -14.15 -16.07
N ALA B 229 16.48 -15.31 -15.52
CA ALA B 229 17.85 -15.50 -15.05
C ALA B 229 18.86 -15.50 -16.18
N THR B 230 18.41 -15.76 -17.41
CA THR B 230 19.33 -15.92 -18.55
C THR B 230 20.14 -14.66 -18.82
N LEU B 231 19.59 -13.50 -18.46
CA LEU B 231 20.20 -12.24 -18.86
C LEU B 231 21.37 -11.87 -17.94
N TYR B 232 21.13 -11.92 -16.64
CA TYR B 232 22.12 -11.47 -15.66
C TYR B 232 22.25 -12.43 -14.48
N GLY B 233 21.61 -13.59 -14.57
CA GLY B 233 21.74 -14.60 -13.53
C GLY B 233 20.90 -14.34 -12.29
N THR B 234 20.01 -13.36 -12.37
CA THR B 234 19.20 -12.96 -11.23
C THR B 234 18.23 -14.08 -10.82
N LYS B 235 18.24 -14.45 -9.55
CA LYS B 235 17.47 -15.59 -9.07
C LYS B 235 16.13 -15.18 -8.46
N TYR B 236 15.05 -15.64 -9.06
CA TYR B 236 13.71 -15.45 -8.51
C TYR B 236 13.18 -16.76 -7.92
N THR B 237 12.36 -16.66 -6.88
CA THR B 237 11.54 -17.79 -6.46
C THR B 237 10.09 -17.53 -6.85
N TYR B 238 9.23 -18.52 -6.66
CA TYR B 238 7.85 -18.40 -7.13
C TYR B 238 6.92 -19.33 -6.38
N GLY B 239 5.62 -19.06 -6.49
CA GLY B 239 4.64 -19.95 -5.88
C GLY B 239 3.39 -19.20 -5.46
N PRO B 240 2.44 -19.88 -4.80
CA PRO B 240 1.22 -19.22 -4.32
C PRO B 240 1.56 -18.19 -3.26
N GLY B 241 0.81 -17.09 -3.26
CA GLY B 241 1.16 -15.96 -2.43
C GLY B 241 1.21 -16.26 -0.94
N ALA B 242 0.21 -16.98 -0.44
CA ALA B 242 0.11 -17.20 1.00
C ALA B 242 1.30 -17.98 1.53
N THR B 243 1.70 -19.03 0.82
CA THR B 243 2.75 -19.91 1.28
C THR B 243 4.15 -19.38 0.95
N THR B 244 4.23 -18.54 -0.08
CA THR B 244 5.52 -18.07 -0.57
C THR B 244 5.99 -16.78 0.08
N ILE B 245 5.05 -15.95 0.51
CA ILE B 245 5.42 -14.74 1.23
C ILE B 245 4.69 -14.64 2.57
N TYR B 246 3.40 -14.36 2.54
CA TYR B 246 2.57 -14.44 3.72
C TYR B 246 1.09 -14.37 3.34
N PRO B 247 0.21 -14.92 4.18
CA PRO B 247 -1.22 -14.72 3.91
C PRO B 247 -1.57 -13.22 3.95
N ALA B 248 -2.42 -12.81 3.02
CA ALA B 248 -2.81 -11.42 2.94
C ALA B 248 -4.03 -11.33 2.04
N ALA B 249 -5.16 -10.93 2.62
CA ALA B 249 -6.40 -10.84 1.88
C ALA B 249 -6.50 -9.49 1.16
N GLY B 250 -7.41 -9.41 0.20
CA GLY B 250 -7.71 -8.11 -0.41
C GLY B 250 -6.77 -7.69 -1.52
N GLY B 251 -5.97 -8.63 -2.04
CA GLY B 251 -5.05 -8.30 -3.10
C GLY B 251 -5.67 -8.34 -4.49
N SER B 252 -5.14 -7.53 -5.39
CA SER B 252 -5.70 -7.41 -6.73
C SER B 252 -5.46 -8.66 -7.60
N ASP B 253 -4.36 -9.36 -7.38
CA ASP B 253 -4.11 -10.57 -8.16
C ASP B 253 -5.14 -11.64 -7.86
N ASP B 254 -5.48 -11.82 -6.59
CA ASP B 254 -6.49 -12.79 -6.20
C ASP B 254 -7.85 -12.36 -6.73
N TRP B 255 -8.16 -11.07 -6.62
CA TRP B 255 -9.45 -10.57 -7.09
C TRP B 255 -9.62 -10.79 -8.58
N ALA B 256 -8.58 -10.48 -9.35
CA ALA B 256 -8.64 -10.62 -10.80
C ALA B 256 -8.83 -12.08 -11.17
N TYR B 257 -8.10 -12.97 -10.48
CA TYR B 257 -8.23 -14.39 -10.73
C TYR B 257 -9.67 -14.84 -10.47
N ASP B 258 -10.24 -14.37 -9.36
CA ASP B 258 -11.61 -14.72 -9.00
C ASP B 258 -12.62 -14.18 -9.99
N GLN B 259 -12.21 -13.23 -10.82
CA GLN B 259 -13.08 -12.70 -11.87
C GLN B 259 -13.05 -13.57 -13.13
N GLY B 260 -12.13 -14.53 -13.15
CA GLY B 260 -12.05 -15.45 -14.27
C GLY B 260 -10.78 -15.28 -15.08
N ILE B 261 -9.90 -14.39 -14.62
CA ILE B 261 -8.66 -14.16 -15.33
C ILE B 261 -7.66 -15.19 -14.84
N LYS B 262 -7.41 -16.20 -15.68
CA LYS B 262 -6.74 -17.42 -15.23
C LYS B 262 -5.24 -17.25 -15.02
N TYR B 263 -4.65 -16.26 -15.68
CA TYR B 263 -3.23 -16.01 -15.51
C TYR B 263 -3.04 -14.70 -14.78
N SER B 264 -2.82 -14.80 -13.47
CA SER B 264 -2.72 -13.63 -12.61
C SER B 264 -1.45 -13.75 -11.78
N PHE B 265 -0.59 -12.77 -11.90
CA PHE B 265 0.71 -12.82 -11.24
C PHE B 265 1.05 -11.52 -10.54
N THR B 266 1.65 -11.62 -9.36
CA THR B 266 2.31 -10.49 -8.74
C THR B 266 3.82 -10.67 -8.90
N PHE B 267 4.47 -9.68 -9.49
CA PHE B 267 5.93 -9.68 -9.61
C PHE B 267 6.53 -8.87 -8.46
N GLU B 268 7.55 -9.42 -7.83
CA GLU B 268 8.36 -8.67 -6.88
C GLU B 268 9.75 -8.53 -7.47
N LEU B 269 10.12 -7.30 -7.84
CA LEU B 269 11.36 -7.08 -8.57
C LEU B 269 12.54 -7.00 -7.60
N ARG B 270 13.70 -6.59 -8.10
CA ARG B 270 14.91 -6.50 -7.26
C ARG B 270 14.71 -5.52 -6.10
N ASP B 271 15.52 -5.65 -5.04
CA ASP B 271 16.43 -6.77 -4.88
C ASP B 271 15.92 -7.72 -3.80
N LYS B 272 16.81 -8.25 -2.97
CA LYS B 272 16.37 -9.17 -1.93
C LYS B 272 16.56 -8.57 -0.54
N GLY B 273 16.83 -7.27 -0.50
CA GLY B 273 16.82 -6.55 0.76
C GLY B 273 18.05 -5.71 1.02
N ARG B 274 19.09 -5.87 0.19
CA ARG B 274 20.30 -5.09 0.39
C ARG B 274 19.99 -3.60 0.31
N TYR B 275 19.30 -3.20 -0.75
CA TYR B 275 18.83 -1.83 -0.88
C TYR B 275 17.33 -1.75 -0.64
N GLY B 276 16.64 -2.87 -0.84
CA GLY B 276 15.21 -2.91 -0.57
C GLY B 276 14.44 -1.99 -1.51
N PHE B 277 13.62 -1.12 -0.94
CA PHE B 277 12.82 -0.18 -1.73
C PHE B 277 13.69 0.90 -2.35
N ILE B 278 14.87 1.13 -1.80
CA ILE B 278 15.73 2.20 -2.27
C ILE B 278 16.73 1.63 -3.28
N LEU B 279 16.20 0.96 -4.30
CA LEU B 279 17.04 0.35 -5.32
C LEU B 279 17.75 1.45 -6.10
N PRO B 280 19.08 1.36 -6.19
CA PRO B 280 19.85 2.38 -6.92
C PRO B 280 19.40 2.52 -8.37
N GLU B 281 19.35 3.77 -8.84
CA GLU B 281 18.96 4.03 -10.23
C GLU B 281 19.87 3.27 -11.19
N SER B 282 21.09 2.97 -10.75
CA SER B 282 22.04 2.28 -11.61
C SER B 282 21.59 0.86 -11.94
N GLN B 283 20.59 0.36 -11.22
CA GLN B 283 20.08 -0.98 -11.44
C GLN B 283 18.76 -1.00 -12.21
N ILE B 284 18.20 0.17 -12.47
CA ILE B 284 16.94 0.24 -13.21
C ILE B 284 17.00 -0.49 -14.55
N GLN B 285 18.00 -0.19 -15.37
CA GLN B 285 18.12 -0.79 -16.69
C GLN B 285 18.18 -2.31 -16.65
N ALA B 286 19.09 -2.86 -15.84
CA ALA B 286 19.25 -4.30 -15.76
C ALA B 286 17.99 -4.97 -15.21
N THR B 287 17.40 -4.35 -14.20
CA THR B 287 16.19 -4.90 -13.59
C THR B 287 15.07 -4.96 -14.61
N CYS B 288 14.86 -3.85 -15.33
CA CYS B 288 13.77 -3.79 -16.30
C CYS B 288 13.97 -4.75 -17.46
N GLU B 289 15.21 -4.86 -17.95
CA GLU B 289 15.48 -5.76 -19.08
C GLU B 289 15.22 -7.24 -18.75
N GLU B 290 15.69 -7.71 -17.60
CA GLU B 290 15.45 -9.10 -17.24
C GLU B 290 13.97 -9.32 -16.96
N THR B 291 13.33 -8.33 -16.35
CA THR B 291 11.90 -8.43 -16.08
C THR B 291 11.11 -8.51 -17.38
N MET B 292 11.55 -7.76 -18.40
CA MET B 292 10.92 -7.82 -19.72
C MET B 292 10.88 -9.25 -20.24
N LEU B 293 11.95 -10.01 -20.02
CA LEU B 293 12.00 -11.38 -20.52
C LEU B 293 10.91 -12.25 -19.89
N ALA B 294 10.67 -12.06 -18.60
CA ALA B 294 9.65 -12.84 -17.89
C ALA B 294 8.26 -12.41 -18.38
N ILE B 295 8.06 -11.11 -18.54
CA ILE B 295 6.77 -10.60 -18.98
C ILE B 295 6.44 -11.07 -20.39
N LYS B 296 7.44 -11.05 -21.27
CA LYS B 296 7.23 -11.52 -22.63
C LYS B 296 7.01 -13.03 -22.69
N TYR B 297 7.69 -13.77 -21.83
CA TYR B 297 7.51 -15.22 -21.80
C TYR B 297 6.06 -15.53 -21.43
N VAL B 298 5.56 -14.84 -20.42
CA VAL B 298 4.19 -15.05 -19.96
C VAL B 298 3.19 -14.63 -21.03
N THR B 299 3.48 -13.53 -21.70
CA THR B 299 2.61 -13.02 -22.77
C THR B 299 2.53 -14.03 -23.90
N ASN B 300 3.67 -14.58 -24.29
CA ASN B 300 3.69 -15.55 -25.37
C ASN B 300 2.92 -16.80 -25.00
N TYR B 301 3.03 -17.21 -23.74
CA TYR B 301 2.28 -18.38 -23.27
C TYR B 301 0.79 -18.10 -23.36
N VAL B 302 0.38 -16.93 -22.88
CA VAL B 302 -1.04 -16.58 -22.86
C VAL B 302 -1.61 -16.52 -24.26
N LEU B 303 -0.83 -16.02 -25.21
CA LEU B 303 -1.24 -15.96 -26.60
C LEU B 303 -1.55 -17.36 -27.13
N GLY B 304 -0.76 -18.34 -26.70
CA GLY B 304 -0.92 -19.69 -27.19
C GLY B 304 -1.99 -20.46 -26.44
N HIS B 305 -2.58 -19.83 -25.43
CA HIS B 305 -3.62 -20.48 -24.64
C HIS B 305 -4.84 -19.59 -24.51
N LEU B 306 -5.40 -19.18 -25.65
CA LEU B 306 -6.58 -18.33 -25.67
C LEU B 306 -7.84 -19.17 -25.78
N GLY C 3 4.01 -18.95 42.15
CA GLY C 3 4.32 -18.21 40.94
C GLY C 3 5.00 -19.08 39.91
N HIS C 4 4.71 -18.82 38.64
CA HIS C 4 5.25 -19.62 37.54
C HIS C 4 6.63 -19.15 37.13
N SER C 5 7.51 -20.10 36.80
CA SER C 5 8.79 -19.81 36.18
C SER C 5 9.08 -20.83 35.08
N TYR C 6 9.66 -20.36 33.98
CA TYR C 6 10.03 -21.24 32.88
C TYR C 6 11.37 -21.92 33.13
N GLU C 7 12.07 -21.47 34.17
CA GLU C 7 13.36 -22.06 34.53
C GLU C 7 13.31 -22.77 35.87
N LYS C 8 12.10 -23.08 36.32
CA LYS C 8 11.91 -23.92 37.50
C LYS C 8 10.84 -24.95 37.20
N TYR C 9 10.83 -26.04 37.97
CA TYR C 9 9.73 -27.00 37.83
C TYR C 9 8.52 -26.49 38.58
N ASN C 10 7.37 -26.48 37.90
CA ASN C 10 6.13 -25.94 38.45
C ASN C 10 5.16 -27.07 38.80
N ASN C 11 4.50 -26.97 39.96
CA ASN C 11 3.52 -27.99 40.32
C ASN C 11 2.27 -27.81 39.47
N TRP C 12 1.36 -28.79 39.53
CA TRP C 12 0.21 -28.75 38.63
C TRP C 12 -0.64 -27.51 38.82
N GLU C 13 -0.86 -27.09 40.06
CA GLU C 13 -1.67 -25.90 40.30
C GLU C 13 -1.11 -24.71 39.53
N THR C 14 0.22 -24.58 39.55
CA THR C 14 0.89 -23.50 38.86
C THR C 14 0.81 -23.65 37.35
N ILE C 15 1.02 -24.87 36.85
CA ILE C 15 0.95 -25.10 35.41
C ILE C 15 -0.47 -24.87 34.90
N GLU C 16 -1.46 -25.34 35.65
CA GLU C 16 -2.86 -25.11 35.29
C GLU C 16 -3.17 -23.62 35.22
N ALA C 17 -2.81 -22.89 36.27
CA ALA C 17 -2.99 -21.44 36.28
C ALA C 17 -2.26 -20.80 35.11
N TRP C 18 -1.11 -21.38 34.77
CA TRP C 18 -0.32 -20.87 33.64
C TRP C 18 -1.03 -21.07 32.31
N THR C 19 -1.69 -22.22 32.12
CA THR C 19 -2.41 -22.44 30.87
C THR C 19 -3.50 -21.38 30.70
N LYS C 20 -4.10 -20.98 31.81
CA LYS C 20 -5.15 -19.96 31.77
C LYS C 20 -4.56 -18.60 31.45
N GLN C 21 -3.48 -18.26 32.15
CA GLN C 21 -2.89 -16.93 32.03
C GLN C 21 -2.24 -16.71 30.67
N VAL C 22 -1.50 -17.70 30.19
CA VAL C 22 -0.78 -17.52 28.93
C VAL C 22 -1.76 -17.44 27.78
N THR C 23 -2.92 -18.04 27.95
CA THR C 23 -3.99 -17.96 26.95
C THR C 23 -4.64 -16.58 26.96
N SER C 24 -4.92 -16.07 28.14
CA SER C 24 -5.50 -14.74 28.25
C SER C 24 -4.54 -13.67 27.71
N GLU C 25 -3.25 -13.91 27.85
CA GLU C 25 -2.24 -12.94 27.45
C GLU C 25 -2.01 -12.95 25.94
N ASN C 26 -2.34 -14.06 25.29
CA ASN C 26 -2.13 -14.19 23.86
C ASN C 26 -3.39 -14.71 23.17
N PRO C 27 -4.48 -13.93 23.25
CA PRO C 27 -5.80 -14.37 22.75
C PRO C 27 -5.83 -14.63 21.26
N ASP C 28 -4.91 -14.01 20.52
CA ASP C 28 -4.90 -14.14 19.07
C ASP C 28 -3.94 -15.24 18.59
N LEU C 29 -3.36 -15.96 19.53
CA LEU C 29 -2.43 -17.02 19.16
C LEU C 29 -2.66 -18.32 19.93
N ILE C 30 -3.37 -18.23 21.05
CA ILE C 30 -3.61 -19.41 21.88
C ILE C 30 -5.06 -19.54 22.31
N SER C 31 -5.61 -20.74 22.14
CA SER C 31 -6.86 -21.09 22.80
C SER C 31 -6.67 -22.35 23.64
N ARG C 32 -7.43 -22.45 24.72
CA ARG C 32 -7.33 -23.58 25.64
C ARG C 32 -8.61 -24.37 25.67
N THR C 33 -8.48 -25.69 25.63
CA THR C 33 -9.60 -26.59 25.88
C THR C 33 -9.14 -27.70 26.81
N ALA C 34 -10.08 -28.51 27.28
CA ALA C 34 -9.76 -29.75 27.97
C ALA C 34 -10.27 -30.91 27.11
N ILE C 35 -9.44 -31.93 26.94
CA ILE C 35 -9.81 -33.05 26.08
C ILE C 35 -10.43 -34.18 26.89
N GLY C 36 -10.58 -33.94 28.20
CA GLY C 36 -11.16 -34.93 29.07
C GLY C 36 -10.70 -34.70 30.49
N THR C 37 -10.99 -35.66 31.38
CA THR C 37 -10.52 -35.58 32.75
C THR C 37 -9.68 -36.80 33.11
N THR C 38 -8.90 -36.66 34.17
CA THR C 38 -8.07 -37.76 34.67
C THR C 38 -8.88 -38.65 35.59
N PHE C 39 -8.27 -39.74 36.05
CA PHE C 39 -8.92 -40.65 36.98
C PHE C 39 -9.42 -39.88 38.21
N LEU C 40 -8.60 -38.93 38.66
CA LEU C 40 -8.92 -38.16 39.86
C LEU C 40 -9.79 -36.95 39.55
N GLY C 41 -10.07 -36.73 38.28
CA GLY C 41 -11.03 -35.70 37.90
C GLY C 41 -10.41 -34.37 37.50
N ASN C 42 -9.11 -34.34 37.27
CA ASN C 42 -8.45 -33.10 36.84
C ASN C 42 -8.63 -32.89 35.34
N ASN C 43 -8.81 -31.64 34.94
CA ASN C 43 -8.98 -31.31 33.53
C ASN C 43 -7.68 -31.50 32.76
N ILE C 44 -7.72 -32.25 31.67
CA ILE C 44 -6.57 -32.46 30.82
C ILE C 44 -6.52 -31.35 29.77
N TYR C 45 -5.84 -30.26 30.10
CA TYR C 45 -5.84 -29.08 29.25
C TYR C 45 -4.99 -29.25 28.01
N LEU C 46 -5.46 -28.67 26.92
CA LEU C 46 -4.75 -28.65 25.65
C LEU C 46 -4.68 -27.22 25.14
N LEU C 47 -3.50 -26.79 24.72
CA LEU C 47 -3.35 -25.46 24.13
C LEU C 47 -3.22 -25.58 22.63
N LYS C 48 -4.07 -24.85 21.90
CA LYS C 48 -3.94 -24.76 20.46
C LYS C 48 -3.18 -23.48 20.14
N VAL C 49 -1.94 -23.63 19.68
CA VAL C 49 -1.08 -22.48 19.44
C VAL C 49 -1.00 -22.19 17.95
N GLY C 50 -1.33 -20.97 17.56
CA GLY C 50 -1.28 -20.62 16.16
C GLY C 50 -2.21 -19.47 15.77
N LYS C 51 -1.94 -18.87 14.61
CA LYS C 51 -2.77 -17.80 14.09
C LYS C 51 -4.04 -18.41 13.52
N PRO C 52 -5.21 -18.07 14.10
CA PRO C 52 -6.47 -18.73 13.72
C PRO C 52 -6.80 -18.58 12.24
N GLY C 53 -7.38 -19.63 11.68
CA GLY C 53 -7.74 -19.61 10.27
C GLY C 53 -8.42 -20.91 9.88
N PRO C 54 -9.02 -20.97 8.68
CA PRO C 54 -9.71 -22.18 8.20
C PRO C 54 -8.75 -23.29 7.76
N ASN C 55 -9.22 -24.53 7.88
CA ASN C 55 -8.55 -25.69 7.29
C ASN C 55 -7.05 -25.78 7.57
N LYS C 56 -6.65 -25.47 8.80
CA LYS C 56 -5.24 -25.52 9.17
C LYS C 56 -4.81 -26.93 9.54
N PRO C 57 -3.69 -27.40 8.96
CA PRO C 57 -3.04 -28.63 9.43
C PRO C 57 -2.48 -28.37 10.82
N ALA C 58 -2.09 -29.43 11.51
CA ALA C 58 -1.57 -29.29 12.87
C ALA C 58 -0.40 -30.21 13.15
N ILE C 59 0.43 -29.83 14.12
CA ILE C 59 1.36 -30.76 14.74
C ILE C 59 0.93 -30.93 16.18
N PHE C 60 0.94 -32.17 16.66
CA PHE C 60 0.53 -32.45 18.03
C PHE C 60 1.72 -32.85 18.87
N MET C 61 1.88 -32.21 20.02
CA MET C 61 2.93 -32.56 20.96
C MET C 61 2.40 -32.67 22.38
N ASP C 62 2.71 -33.77 23.05
CA ASP C 62 2.40 -33.87 24.48
C ASP C 62 3.66 -34.00 25.32
N CYS C 63 3.53 -33.64 26.58
CA CYS C 63 4.57 -33.86 27.59
C CYS C 63 3.91 -34.52 28.79
N GLY C 64 4.72 -35.01 29.72
CA GLY C 64 4.18 -35.48 30.97
C GLY C 64 3.41 -36.77 30.91
N PHE C 65 3.68 -37.60 29.91
CA PHE C 65 3.17 -38.98 29.91
C PHE C 65 3.56 -39.64 31.23
N HIS C 66 4.84 -39.53 31.59
CA HIS C 66 5.36 -40.19 32.76
C HIS C 66 5.67 -39.17 33.86
N ALA C 67 5.13 -39.42 35.05
CA ALA C 67 5.04 -38.39 36.08
C ALA C 67 6.39 -37.83 36.52
N ARG C 68 7.39 -38.71 36.66
CA ARG C 68 8.68 -38.33 37.22
C ARG C 68 9.60 -37.63 36.21
N GLU C 69 9.20 -37.60 34.95
CA GLU C 69 10.04 -37.01 33.91
C GLU C 69 9.82 -35.49 33.80
N TRP C 70 10.16 -34.78 34.87
CA TRP C 70 9.79 -33.38 35.03
C TRP C 70 10.26 -32.45 33.92
N ILE C 71 11.41 -32.76 33.31
CA ILE C 71 11.93 -31.91 32.26
C ILE C 71 11.03 -31.95 31.02
N SER C 72 10.28 -33.04 30.87
CA SER C 72 9.28 -33.11 29.80
C SER C 72 8.24 -32.01 29.98
N HIS C 73 7.61 -31.97 31.15
CA HIS C 73 6.58 -30.97 31.42
C HIS C 73 7.15 -29.57 31.21
N ALA C 74 8.37 -29.35 31.68
CA ALA C 74 9.01 -28.05 31.56
C ALA C 74 9.13 -27.64 30.10
N PHE C 75 9.42 -28.60 29.23
CA PHE C 75 9.64 -28.26 27.83
C PHE C 75 8.39 -27.80 27.09
N CYS C 76 7.26 -28.45 27.34
CA CYS C 76 6.02 -28.01 26.70
C CYS C 76 5.72 -26.56 27.06
N GLN C 77 5.99 -26.20 28.31
CA GLN C 77 5.78 -24.81 28.73
C GLN C 77 6.76 -23.88 28.00
N TRP C 78 8.00 -24.31 27.88
CA TRP C 78 9.02 -23.51 27.22
C TRP C 78 8.64 -23.28 25.75
N PHE C 79 8.16 -24.33 25.09
CA PHE C 79 7.78 -24.22 23.69
C PHE C 79 6.72 -23.15 23.48
N VAL C 80 5.68 -23.18 24.31
CA VAL C 80 4.58 -22.24 24.17
C VAL C 80 5.09 -20.81 24.32
N ARG C 81 6.00 -20.60 25.25
CA ARG C 81 6.57 -19.28 25.47
C ARG C 81 7.36 -18.82 24.24
N GLU C 82 8.20 -19.70 23.72
CA GLU C 82 8.97 -19.38 22.52
C GLU C 82 8.05 -19.04 21.36
N ALA C 83 6.99 -19.82 21.22
CA ALA C 83 6.08 -19.70 20.08
C ALA C 83 5.43 -18.32 20.05
N VAL C 84 4.75 -17.97 21.14
CA VAL C 84 4.01 -16.72 21.18
C VAL C 84 4.93 -15.51 21.24
N LEU C 85 6.17 -15.71 21.68
CA LEU C 85 7.10 -14.60 21.86
C LEU C 85 8.11 -14.41 20.72
N THR C 86 8.12 -15.34 19.76
CA THR C 86 8.90 -15.14 18.53
C THR C 86 7.99 -14.97 17.31
N TYR C 87 6.72 -15.32 17.46
CA TYR C 87 5.76 -15.08 16.39
C TYR C 87 5.72 -13.61 16.04
N GLY C 88 5.87 -13.31 14.75
CA GLY C 88 5.85 -11.92 14.31
C GLY C 88 7.22 -11.27 14.31
N TYR C 89 8.20 -11.92 14.91
CA TYR C 89 9.57 -11.41 14.94
C TYR C 89 10.50 -12.22 14.06
N GLU C 90 10.33 -13.53 14.11
CA GLU C 90 11.20 -14.46 13.40
C GLU C 90 10.40 -15.08 12.26
N SER C 91 11.00 -15.14 11.07
CA SER C 91 10.29 -15.60 9.89
C SER C 91 9.76 -17.02 10.02
N HIS C 92 10.56 -17.92 10.57
CA HIS C 92 10.19 -19.32 10.65
C HIS C 92 8.98 -19.57 11.53
N MET C 93 9.02 -19.08 12.77
CA MET C 93 7.91 -19.32 13.69
C MET C 93 6.66 -18.62 13.17
N THR C 94 6.85 -17.49 12.51
CA THR C 94 5.71 -16.75 11.98
C THR C 94 5.06 -17.58 10.89
N GLU C 95 5.88 -18.12 9.99
CA GLU C 95 5.39 -19.01 8.95
C GLU C 95 4.72 -20.24 9.55
N PHE C 96 5.39 -20.86 10.53
CA PHE C 96 4.85 -22.04 11.20
C PHE C 96 3.42 -21.80 11.67
N LEU C 97 3.23 -20.74 12.45
CA LEU C 97 1.97 -20.53 13.15
C LEU C 97 0.89 -19.92 12.25
N ASN C 98 1.30 -19.37 11.11
CA ASN C 98 0.33 -18.89 10.14
C ASN C 98 -0.32 -20.04 9.39
N LYS C 99 0.50 -21.02 9.01
CA LYS C 99 0.04 -22.13 8.19
C LYS C 99 -0.52 -23.28 9.03
N LEU C 100 0.09 -23.55 10.17
CA LEU C 100 -0.38 -24.67 10.99
C LEU C 100 -0.68 -24.29 12.42
N ASP C 101 -1.38 -25.19 13.11
CA ASP C 101 -1.56 -25.09 14.55
C ASP C 101 -0.61 -26.04 15.24
N PHE C 102 -0.14 -25.63 16.42
CA PHE C 102 0.51 -26.54 17.34
C PHE C 102 -0.47 -26.90 18.45
N TYR C 103 -0.78 -28.18 18.56
CA TYR C 103 -1.56 -28.67 19.70
C TYR C 103 -0.60 -29.12 20.79
N VAL C 104 -0.49 -28.31 21.84
CA VAL C 104 0.41 -28.64 22.93
C VAL C 104 -0.37 -29.12 24.15
N LEU C 105 -0.15 -30.38 24.52
CA LEU C 105 -0.76 -30.92 25.74
C LEU C 105 0.33 -30.94 26.80
N PRO C 106 0.32 -29.95 27.71
CA PRO C 106 1.42 -29.69 28.64
C PRO C 106 1.71 -30.87 29.56
N VAL C 107 0.65 -31.46 30.10
CA VAL C 107 0.76 -32.60 31.01
C VAL C 107 -0.40 -33.57 30.79
N LEU C 108 -0.09 -34.77 30.30
CA LEU C 108 -1.11 -35.79 30.12
C LEU C 108 -1.46 -36.43 31.46
N ASN C 109 -0.43 -36.93 32.14
CA ASN C 109 -0.62 -37.71 33.35
C ASN C 109 -0.58 -36.81 34.57
N ILE C 110 -1.62 -36.00 34.72
CA ILE C 110 -1.69 -34.99 35.77
C ILE C 110 -1.74 -35.60 37.17
N ASP C 111 -2.48 -36.68 37.34
CA ASP C 111 -2.62 -37.30 38.65
C ASP C 111 -1.25 -37.78 39.12
N GLY C 112 -0.52 -38.44 38.23
CA GLY C 112 0.80 -38.94 38.59
C GLY C 112 1.77 -37.82 38.88
N TYR C 113 1.70 -36.75 38.09
CA TYR C 113 2.57 -35.60 38.30
C TYR C 113 2.35 -34.99 39.68
N ILE C 114 1.09 -34.82 40.05
CA ILE C 114 0.77 -34.33 41.38
C ILE C 114 1.37 -35.24 42.44
N TYR C 115 1.30 -36.54 42.19
CA TYR C 115 1.80 -37.52 43.16
C TYR C 115 3.33 -37.40 43.31
N THR C 116 4.02 -37.01 42.25
CA THR C 116 5.47 -36.86 42.34
C THR C 116 5.85 -35.62 43.15
N TRP C 117 4.92 -34.68 43.28
CA TRP C 117 5.15 -33.48 44.08
C TRP C 117 4.75 -33.67 45.54
N THR C 118 3.70 -34.47 45.76
CA THR C 118 3.13 -34.62 47.09
C THR C 118 3.72 -35.80 47.86
N LYS C 119 4.04 -36.89 47.16
CA LYS C 119 4.35 -38.15 47.82
C LYS C 119 5.60 -38.85 47.32
N ASN C 120 5.60 -39.23 46.04
CA ASN C 120 6.62 -40.12 45.51
C ASN C 120 7.26 -39.54 44.25
N ARG C 121 8.46 -38.98 44.40
CA ARG C 121 9.14 -38.30 43.29
C ARG C 121 9.41 -39.23 42.11
N MET C 122 9.45 -40.53 42.37
CA MET C 122 9.77 -41.50 41.34
C MET C 122 8.55 -42.17 40.73
N TRP C 123 7.37 -41.66 41.02
CA TRP C 123 6.16 -42.24 40.43
C TRP C 123 6.17 -42.06 38.91
N ARG C 124 5.60 -43.05 38.21
CA ARG C 124 5.65 -43.09 36.75
C ARG C 124 4.26 -43.18 36.12
N LYS C 125 3.47 -44.12 36.63
CA LYS C 125 2.20 -44.50 36.01
C LYS C 125 1.07 -43.51 36.28
N THR C 126 -0.12 -43.82 35.80
CA THR C 126 -1.31 -43.08 36.22
C THR C 126 -1.61 -43.41 37.69
N ARG C 127 -2.72 -42.90 38.22
CA ARG C 127 -3.05 -43.16 39.62
C ARG C 127 -4.40 -43.87 39.78
N SER C 128 -4.83 -44.57 38.73
CA SER C 128 -6.12 -45.26 38.78
C SER C 128 -6.04 -46.55 39.59
N THR C 129 -7.19 -46.98 40.06
CA THR C 129 -7.30 -48.24 40.79
C THR C 129 -7.29 -49.43 39.83
N ASN C 130 -6.84 -50.56 40.33
CA ASN C 130 -6.85 -51.80 39.57
C ASN C 130 -7.70 -52.84 40.29
N ALA C 131 -8.57 -53.51 39.54
CA ALA C 131 -9.54 -54.41 40.14
C ALA C 131 -8.87 -55.57 40.89
N GLY C 132 -9.19 -55.70 42.17
CA GLY C 132 -8.73 -56.85 42.92
C GLY C 132 -7.28 -56.79 43.35
N THR C 133 -6.72 -55.58 43.43
CA THR C 133 -5.37 -55.42 43.96
C THR C 133 -5.18 -54.04 44.55
N THR C 134 -4.24 -53.92 45.48
CA THR C 134 -3.94 -52.63 46.10
C THR C 134 -2.98 -51.83 45.23
N CYS C 135 -2.39 -52.48 44.25
CA CYS C 135 -1.43 -51.81 43.37
C CYS C 135 -2.13 -50.81 42.45
N ILE C 136 -1.53 -49.63 42.35
CA ILE C 136 -2.13 -48.49 41.67
C ILE C 136 -1.45 -48.20 40.33
N GLY C 137 -2.25 -47.90 39.32
CA GLY C 137 -1.71 -47.22 38.15
C GLY C 137 -1.42 -48.11 36.97
N THR C 138 -1.52 -47.51 35.79
CA THR C 138 -1.18 -48.15 34.53
C THR C 138 -0.11 -47.31 33.84
N ASP C 139 0.80 -47.94 33.11
CA ASP C 139 1.79 -47.19 32.34
C ASP C 139 1.11 -46.63 31.10
N PRO C 140 0.95 -45.30 31.02
CA PRO C 140 0.21 -44.74 29.88
C PRO C 140 0.85 -45.09 28.55
N ASN C 141 2.17 -45.21 28.54
CA ASN C 141 2.86 -45.50 27.28
C ASN C 141 3.02 -47.00 27.02
N ARG C 142 2.20 -47.79 27.71
CA ARG C 142 2.00 -49.18 27.33
C ARG C 142 0.51 -49.44 27.08
N ASN C 143 -0.27 -48.36 27.05
CA ASN C 143 -1.73 -48.49 27.13
C ASN C 143 -2.42 -48.18 25.79
N PHE C 144 -1.64 -47.93 24.75
CA PHE C 144 -2.21 -47.65 23.44
C PHE C 144 -2.33 -48.89 22.56
N ASP C 145 -3.25 -48.82 21.60
CA ASP C 145 -3.60 -49.96 20.76
C ASP C 145 -2.56 -50.14 19.66
N ALA C 146 -1.33 -50.45 20.04
CA ALA C 146 -0.27 -50.72 19.09
C ALA C 146 0.47 -51.98 19.50
N GLY C 147 0.11 -53.10 18.89
CA GLY C 147 0.62 -54.39 19.32
C GLY C 147 0.45 -54.53 20.82
N TRP C 148 -0.70 -54.09 21.32
CA TRP C 148 -0.87 -53.86 22.75
C TRP C 148 -0.43 -55.02 23.66
N CYS C 149 0.45 -54.70 24.58
CA CYS C 149 0.95 -55.62 25.61
C CYS C 149 1.67 -56.86 25.08
N THR C 150 2.18 -56.81 23.86
CA THR C 150 2.80 -57.99 23.27
C THR C 150 4.29 -58.12 23.56
N THR C 151 4.93 -57.01 23.94
CA THR C 151 6.32 -57.08 24.35
C THR C 151 6.72 -55.87 25.19
N GLY C 152 7.72 -56.05 26.05
CA GLY C 152 8.24 -54.96 26.83
C GLY C 152 7.24 -54.31 27.76
N ALA C 153 6.22 -55.08 28.16
CA ALA C 153 5.18 -54.58 29.04
C ALA C 153 4.76 -55.67 30.01
N SER C 154 4.27 -55.27 31.18
CA SER C 154 3.87 -56.21 32.21
C SER C 154 2.36 -56.37 32.26
N THR C 155 1.90 -57.56 32.62
CA THR C 155 0.48 -57.81 32.87
C THR C 155 0.16 -57.70 34.36
N ASP C 156 1.21 -57.41 35.15
CA ASP C 156 1.07 -57.31 36.60
C ASP C 156 0.84 -55.85 36.99
N PRO C 157 -0.32 -55.55 37.62
CA PRO C 157 -0.66 -54.17 37.97
C PRO C 157 0.34 -53.53 38.94
N CYS C 158 1.13 -54.36 39.59
CA CYS C 158 2.10 -53.88 40.57
C CYS C 158 3.42 -53.43 39.94
N ASP C 159 3.55 -53.64 38.63
CA ASP C 159 4.78 -53.29 37.93
C ASP C 159 4.69 -51.91 37.27
N GLU C 160 5.84 -51.28 37.09
CA GLU C 160 5.91 -49.93 36.53
C GLU C 160 5.48 -49.85 35.07
N THR C 161 5.52 -50.98 34.38
CA THR C 161 5.17 -51.00 32.96
C THR C 161 3.87 -51.77 32.69
N TYR C 162 3.00 -51.82 33.70
CA TYR C 162 1.71 -52.49 33.55
C TYR C 162 0.97 -51.90 32.35
N CYS C 163 0.52 -52.78 31.45
CA CYS C 163 -0.05 -52.31 30.20
C CYS C 163 -1.54 -51.96 30.34
N GLY C 164 -2.11 -52.27 31.51
CA GLY C 164 -3.51 -51.95 31.75
C GLY C 164 -4.43 -53.13 31.52
N SER C 165 -5.72 -52.93 31.81
CA SER C 165 -6.70 -54.00 31.65
C SER C 165 -7.03 -54.20 30.18
N ALA C 166 -6.82 -53.16 29.38
CA ALA C 166 -7.03 -53.22 27.94
C ALA C 166 -6.47 -51.93 27.36
N ALA C 167 -6.25 -51.89 26.05
CA ALA C 167 -5.81 -50.66 25.42
C ALA C 167 -6.79 -49.55 25.76
N GLU C 168 -6.26 -48.38 26.12
CA GLU C 168 -7.07 -47.19 26.40
C GLU C 168 -7.99 -47.39 27.60
N SER C 169 -7.60 -48.29 28.49
CA SER C 169 -8.33 -48.51 29.72
C SER C 169 -8.29 -47.28 30.61
N GLU C 170 -7.25 -46.46 30.45
CA GLU C 170 -7.07 -45.26 31.25
C GLU C 170 -7.81 -44.08 30.64
N LYS C 171 -8.45 -43.28 31.49
CA LYS C 171 -9.19 -42.11 31.01
C LYS C 171 -8.27 -41.19 30.22
N GLU C 172 -7.03 -41.07 30.68
CA GLU C 172 -6.08 -40.14 30.07
C GLU C 172 -5.68 -40.57 28.67
N THR C 173 -5.42 -41.86 28.48
CA THR C 173 -5.00 -42.35 27.18
C THR C 173 -6.18 -42.43 26.22
N LYS C 174 -7.34 -42.84 26.72
CA LYS C 174 -8.55 -42.79 25.91
C LYS C 174 -8.81 -41.36 25.43
N ALA C 175 -8.65 -40.39 26.32
CA ALA C 175 -8.86 -38.99 25.97
C ALA C 175 -7.92 -38.53 24.85
N LEU C 176 -6.65 -38.90 24.97
CA LEU C 176 -5.66 -38.52 23.96
C LEU C 176 -5.94 -39.21 22.63
N ALA C 177 -6.17 -40.52 22.67
CA ALA C 177 -6.43 -41.29 21.46
C ALA C 177 -7.73 -40.80 20.80
N ASP C 178 -8.73 -40.53 21.62
CA ASP C 178 -10.00 -39.98 21.10
C ASP C 178 -9.74 -38.66 20.39
N PHE C 179 -8.96 -37.78 21.01
CA PHE C 179 -8.73 -36.47 20.42
C PHE C 179 -8.02 -36.61 19.08
N ILE C 180 -6.95 -37.40 19.04
CA ILE C 180 -6.18 -37.55 17.82
C ILE C 180 -7.03 -38.23 16.74
N ARG C 181 -7.78 -39.25 17.15
CA ARG C 181 -8.68 -39.94 16.23
C ARG C 181 -9.69 -38.94 15.63
N ASN C 182 -10.19 -38.04 16.47
CA ASN C 182 -11.19 -37.07 16.02
C ASN C 182 -10.58 -35.90 15.24
N ASN C 183 -9.26 -35.84 15.19
CA ASN C 183 -8.59 -34.73 14.54
C ASN C 183 -7.51 -35.15 13.53
N LEU C 184 -7.70 -36.32 12.94
CA LEU C 184 -6.79 -36.79 11.89
C LEU C 184 -6.90 -35.92 10.65
N SER C 185 -7.96 -35.14 10.58
CA SER C 185 -8.15 -34.19 9.49
C SER C 185 -7.07 -33.11 9.51
N SER C 186 -6.48 -32.86 10.68
CA SER C 186 -5.47 -31.80 10.78
C SER C 186 -4.08 -32.30 11.16
N ILE C 187 -4.01 -33.28 12.07
CA ILE C 187 -2.73 -33.65 12.66
C ILE C 187 -1.84 -34.43 11.70
N LYS C 188 -0.69 -33.84 11.35
CA LYS C 188 0.20 -34.42 10.37
C LYS C 188 1.54 -34.87 10.97
N ALA C 189 1.77 -34.52 12.23
CA ALA C 189 2.91 -35.04 12.96
C ALA C 189 2.59 -35.19 14.44
N TYR C 190 3.23 -36.16 15.07
CA TYR C 190 3.01 -36.44 16.48
C TYR C 190 4.36 -36.43 17.20
N LEU C 191 4.47 -35.60 18.24
CA LEU C 191 5.69 -35.54 19.03
C LEU C 191 5.35 -35.80 20.49
N THR C 192 6.04 -36.76 21.11
CA THR C 192 5.77 -37.06 22.51
C THR C 192 7.06 -36.97 23.32
N ILE C 193 7.03 -36.16 24.37
CA ILE C 193 8.26 -35.77 25.06
C ILE C 193 8.44 -36.57 26.35
N HIS C 194 9.60 -37.20 26.46
CA HIS C 194 9.95 -38.02 27.62
C HIS C 194 11.37 -37.65 28.05
N SER C 195 11.83 -38.23 29.14
CA SER C 195 13.25 -38.24 29.50
C SER C 195 13.48 -39.51 30.34
N TYR C 196 14.73 -39.92 30.55
CA TYR C 196 15.91 -39.27 29.98
C TYR C 196 16.59 -40.26 29.03
N SER C 197 17.63 -39.81 28.33
CA SER C 197 18.50 -40.67 27.51
C SER C 197 19.13 -39.91 26.35
N GLN C 198 18.59 -38.74 26.04
CA GLN C 198 19.07 -37.94 24.91
C GLN C 198 18.97 -38.73 23.61
N MET C 199 17.74 -38.95 23.17
CA MET C 199 17.48 -39.69 21.94
C MET C 199 16.29 -39.11 21.20
N ILE C 200 16.28 -39.30 19.89
CA ILE C 200 15.06 -39.16 19.10
C ILE C 200 14.72 -40.53 18.52
N LEU C 201 13.53 -41.03 18.87
CA LEU C 201 13.08 -42.33 18.37
C LEU C 201 11.95 -42.15 17.38
N TYR C 202 11.91 -43.05 16.38
CA TYR C 202 10.74 -43.17 15.52
C TYR C 202 10.30 -44.64 15.48
N PRO C 203 9.12 -44.92 14.90
CA PRO C 203 8.60 -46.31 14.93
C PRO C 203 9.54 -47.30 14.23
N TYR C 204 9.43 -48.58 14.56
CA TYR C 204 8.49 -49.08 15.57
C TYR C 204 9.21 -49.51 16.84
N SER C 205 8.48 -49.52 17.95
CA SER C 205 8.98 -50.12 19.18
C SER C 205 8.27 -51.42 19.55
N TYR C 206 7.04 -51.60 19.06
CA TYR C 206 6.30 -52.80 19.44
C TYR C 206 6.69 -54.01 18.61
N ASP C 207 7.41 -53.78 17.53
CA ASP C 207 7.93 -54.85 16.69
C ASP C 207 9.25 -54.41 16.06
N TYR C 208 10.07 -55.36 15.64
CA TYR C 208 11.35 -55.04 14.99
C TYR C 208 11.18 -54.58 13.54
N LYS C 209 9.95 -54.60 13.04
CA LYS C 209 9.69 -54.13 11.68
C LYS C 209 9.95 -52.63 11.59
N LEU C 210 10.22 -52.16 10.38
CA LEU C 210 10.49 -50.74 10.16
C LEU C 210 9.32 -50.07 9.45
N PRO C 211 9.09 -48.78 9.73
CA PRO C 211 8.09 -48.01 8.97
C PRO C 211 8.56 -47.87 7.53
N GLU C 212 7.61 -47.76 6.61
CA GLU C 212 7.94 -47.70 5.20
C GLU C 212 8.74 -46.47 4.81
N ASN C 213 8.56 -45.37 5.52
CA ASN C 213 9.36 -44.18 5.27
C ASN C 213 10.49 -44.04 6.27
N ASN C 214 11.06 -45.18 6.67
CA ASN C 214 12.11 -45.21 7.69
C ASN C 214 13.34 -44.39 7.28
N ALA C 215 13.67 -44.41 6.00
CA ALA C 215 14.82 -43.64 5.51
C ALA C 215 14.56 -42.16 5.70
N GLU C 216 13.33 -41.73 5.43
CA GLU C 216 12.95 -40.35 5.60
C GLU C 216 13.02 -39.96 7.08
N LEU C 217 12.51 -40.84 7.94
CA LEU C 217 12.46 -40.56 9.36
C LEU C 217 13.87 -40.56 9.95
N ASN C 218 14.71 -41.49 9.49
CA ASN C 218 16.07 -41.57 9.99
C ASN C 218 16.88 -40.33 9.62
N ASN C 219 16.73 -39.87 8.38
CA ASN C 219 17.47 -38.69 7.93
C ASN C 219 16.94 -37.41 8.57
N LEU C 220 15.64 -37.40 8.87
CA LEU C 220 15.05 -36.28 9.58
C LEU C 220 15.59 -36.22 11.02
N ALA C 221 15.66 -37.37 11.68
CA ALA C 221 16.17 -37.43 13.04
C ALA C 221 17.66 -37.08 13.05
N LYS C 222 18.39 -37.56 12.06
CA LYS C 222 19.82 -37.28 11.94
C LYS C 222 20.07 -35.77 11.87
N ALA C 223 19.30 -35.08 11.05
CA ALA C 223 19.45 -33.63 10.92
C ALA C 223 19.01 -32.92 12.19
N ALA C 224 17.95 -33.42 12.83
CA ALA C 224 17.40 -32.79 14.02
C ALA C 224 18.38 -32.86 15.20
N VAL C 225 19.06 -33.99 15.34
CA VAL C 225 20.03 -34.12 16.44
C VAL C 225 21.27 -33.29 16.16
N LYS C 226 21.59 -33.11 14.88
CA LYS C 226 22.70 -32.24 14.50
C LYS C 226 22.40 -30.79 14.88
N GLU C 227 21.18 -30.35 14.58
CA GLU C 227 20.76 -29.01 14.95
C GLU C 227 20.77 -28.82 16.46
N LEU C 228 20.33 -29.84 17.19
CA LEU C 228 20.25 -29.75 18.66
C LEU C 228 21.65 -29.56 19.25
N ALA C 229 22.63 -30.23 18.66
CA ALA C 229 24.00 -30.21 19.18
C ALA C 229 24.71 -28.87 18.99
N THR C 230 24.19 -28.03 18.09
CA THR C 230 24.87 -26.78 17.74
C THR C 230 24.94 -25.81 18.89
N LEU C 231 24.01 -25.93 19.85
CA LEU C 231 23.90 -24.93 20.89
C LEU C 231 24.87 -25.18 22.05
N TYR C 232 24.84 -26.40 22.60
CA TYR C 232 25.64 -26.73 23.78
C TYR C 232 26.50 -27.98 23.61
N GLY C 233 26.41 -28.60 22.43
CA GLY C 233 27.22 -29.77 22.17
C GLY C 233 26.61 -31.05 22.68
N THR C 234 25.37 -30.98 23.15
CA THR C 234 24.69 -32.15 23.68
C THR C 234 24.48 -33.21 22.60
N LYS C 235 24.89 -34.45 22.89
CA LYS C 235 24.84 -35.53 21.93
C LYS C 235 23.58 -36.39 22.09
N TYR C 236 22.79 -36.46 21.03
CA TYR C 236 21.62 -37.33 20.97
C TYR C 236 21.91 -38.47 20.00
N THR C 237 21.41 -39.67 20.32
CA THR C 237 21.38 -40.75 19.34
C THR C 237 19.96 -40.87 18.81
N TYR C 238 19.75 -41.73 17.82
CA TYR C 238 18.44 -41.80 17.17
C TYR C 238 18.28 -43.08 16.37
N GLY C 239 17.04 -43.42 16.08
CA GLY C 239 16.75 -44.61 15.30
C GLY C 239 15.40 -45.18 15.68
N PRO C 240 15.04 -46.35 15.14
CA PRO C 240 13.80 -47.05 15.49
C PRO C 240 13.79 -47.40 16.97
N GLY C 241 12.64 -47.23 17.62
CA GLY C 241 12.57 -47.45 19.05
C GLY C 241 13.05 -48.82 19.50
N ALA C 242 12.61 -49.85 18.79
CA ALA C 242 12.85 -51.22 19.22
C ALA C 242 14.34 -51.54 19.33
N THR C 243 15.12 -51.03 18.39
CA THR C 243 16.55 -51.34 18.34
C THR C 243 17.45 -50.26 18.95
N THR C 244 16.86 -49.11 19.26
CA THR C 244 17.63 -47.98 19.77
C THR C 244 17.61 -47.89 21.29
N ILE C 245 16.47 -48.20 21.91
CA ILE C 245 16.40 -48.29 23.36
C ILE C 245 16.02 -49.70 23.80
N TYR C 246 14.75 -50.04 23.64
CA TYR C 246 14.28 -51.41 23.87
C TYR C 246 12.90 -51.60 23.27
N PRO C 247 12.58 -52.83 22.87
CA PRO C 247 11.22 -53.12 22.37
C PRO C 247 10.19 -52.92 23.46
N ALA C 248 9.09 -52.26 23.12
CA ALA C 248 7.99 -52.06 24.05
C ALA C 248 6.75 -51.73 23.25
N ALA C 249 5.66 -52.44 23.53
CA ALA C 249 4.41 -52.28 22.81
C ALA C 249 3.53 -51.24 23.48
N GLY C 250 2.46 -50.84 22.81
CA GLY C 250 1.46 -49.99 23.44
C GLY C 250 1.86 -48.53 23.55
N GLY C 251 2.88 -48.12 22.79
CA GLY C 251 3.34 -46.74 22.85
C GLY C 251 2.55 -45.81 21.94
N SER C 252 2.42 -44.55 22.36
CA SER C 252 1.58 -43.62 21.61
C SER C 252 2.18 -43.24 20.26
N ASP C 253 3.51 -43.21 20.16
CA ASP C 253 4.14 -42.85 18.89
C ASP C 253 3.89 -43.90 17.80
N ASP C 254 3.92 -45.17 18.17
CA ASP C 254 3.63 -46.25 17.24
C ASP C 254 2.16 -46.21 16.86
N TRP C 255 1.31 -45.98 17.85
CA TRP C 255 -0.12 -45.94 17.61
C TRP C 255 -0.47 -44.79 16.66
N ALA C 256 0.03 -43.60 16.96
CA ALA C 256 -0.24 -42.43 16.12
C ALA C 256 0.26 -42.68 14.70
N TYR C 257 1.41 -43.32 14.58
CA TYR C 257 1.98 -43.59 13.27
C TYR C 257 1.04 -44.48 12.45
N ASP C 258 0.50 -45.51 13.08
CA ASP C 258 -0.39 -46.46 12.43
C ASP C 258 -1.76 -45.87 12.13
N GLN C 259 -2.02 -44.67 12.68
CA GLN C 259 -3.23 -43.93 12.35
C GLN C 259 -3.05 -43.16 11.05
N GLY C 260 -1.84 -43.22 10.50
CA GLY C 260 -1.57 -42.54 9.25
C GLY C 260 -0.75 -41.26 9.41
N ILE C 261 -0.31 -40.98 10.63
CA ILE C 261 0.54 -39.81 10.87
C ILE C 261 1.99 -40.18 10.57
N LYS C 262 2.49 -39.70 9.44
CA LYS C 262 3.77 -40.15 8.88
C LYS C 262 4.96 -39.76 9.75
N TYR C 263 4.81 -38.66 10.48
CA TYR C 263 5.91 -38.12 11.25
C TYR C 263 5.61 -38.24 12.72
N SER C 264 6.19 -39.28 13.34
CA SER C 264 5.90 -39.61 14.72
C SER C 264 7.22 -39.84 15.44
N PHE C 265 7.45 -39.08 16.52
CA PHE C 265 8.72 -39.15 17.23
C PHE C 265 8.53 -39.14 18.73
N THR C 266 9.34 -39.93 19.43
CA THR C 266 9.51 -39.81 20.87
C THR C 266 10.86 -39.14 21.15
N PHE C 267 10.83 -38.04 21.89
CA PHE C 267 12.05 -37.42 22.38
C PHE C 267 12.37 -37.92 23.78
N GLU C 268 13.63 -38.23 24.03
CA GLU C 268 14.13 -38.46 25.38
C GLU C 268 15.13 -37.35 25.67
N LEU C 269 14.79 -36.45 26.57
CA LEU C 269 15.63 -35.28 26.80
C LEU C 269 16.79 -35.64 27.72
N ARG C 270 17.51 -34.64 28.23
CA ARG C 270 18.64 -34.86 29.14
C ARG C 270 18.22 -35.56 30.44
N ASP C 271 19.16 -36.23 31.10
CA ASP C 271 20.52 -36.38 30.63
C ASP C 271 20.77 -37.83 30.22
N LYS C 272 21.96 -38.36 30.48
CA LYS C 272 22.22 -39.76 30.16
C LYS C 272 22.29 -40.65 31.40
N GLY C 273 21.90 -40.11 32.55
CA GLY C 273 21.81 -40.94 33.74
C GLY C 273 22.50 -40.39 34.97
N ARG C 274 23.30 -39.35 34.82
CA ARG C 274 23.96 -38.75 35.98
C ARG C 274 22.92 -38.30 37.00
N TYR C 275 21.97 -37.48 36.55
CA TYR C 275 20.87 -37.07 37.42
C TYR C 275 19.58 -37.78 37.07
N GLY C 276 19.50 -38.31 35.85
CA GLY C 276 18.33 -39.08 35.46
C GLY C 276 17.07 -38.24 35.44
N PHE C 277 16.04 -38.69 36.16
CA PHE C 277 14.78 -37.95 36.23
C PHE C 277 14.91 -36.69 37.07
N ILE C 278 15.88 -36.67 37.97
CA ILE C 278 16.04 -35.53 38.87
C ILE C 278 17.01 -34.52 38.26
N LEU C 279 16.66 -34.04 37.07
CA LEU C 279 17.51 -33.10 36.34
C LEU C 279 17.49 -31.74 37.04
N PRO C 280 18.68 -31.22 37.37
CA PRO C 280 18.77 -29.95 38.11
C PRO C 280 18.00 -28.82 37.40
N GLU C 281 17.33 -27.99 38.18
CA GLU C 281 16.57 -26.88 37.61
C GLU C 281 17.50 -25.99 36.80
N SER C 282 18.77 -25.97 37.19
CA SER C 282 19.76 -25.12 36.53
C SER C 282 20.10 -25.61 35.13
N GLN C 283 19.57 -26.76 34.75
CA GLN C 283 19.74 -27.27 33.39
C GLN C 283 18.48 -27.10 32.54
N ILE C 284 17.40 -26.61 33.13
CA ILE C 284 16.14 -26.52 32.39
C ILE C 284 16.26 -25.66 31.13
N GLN C 285 16.79 -24.45 31.28
CA GLN C 285 16.85 -23.52 30.15
C GLN C 285 17.65 -24.08 28.98
N ALA C 286 18.87 -24.57 29.27
CA ALA C 286 19.74 -25.08 28.22
C ALA C 286 19.10 -26.29 27.55
N THR C 287 18.48 -27.14 28.35
CA THR C 287 17.83 -28.34 27.81
C THR C 287 16.72 -27.93 26.85
N CYS C 288 15.88 -26.99 27.28
CA CYS C 288 14.75 -26.58 26.47
C CYS C 288 15.19 -25.84 25.21
N GLU C 289 16.24 -25.02 25.33
CA GLU C 289 16.73 -24.27 24.19
C GLU C 289 17.25 -25.16 23.07
N GLU C 290 18.05 -26.16 23.41
CA GLU C 290 18.58 -27.06 22.39
C GLU C 290 17.49 -27.93 21.79
N THR C 291 16.55 -28.36 22.63
CA THR C 291 15.44 -29.17 22.15
C THR C 291 14.58 -28.39 21.16
N MET C 292 14.38 -27.11 21.44
CA MET C 292 13.63 -26.25 20.54
C MET C 292 14.17 -26.33 19.11
N LEU C 293 15.50 -26.40 18.97
CA LEU C 293 16.12 -26.38 17.65
C LEU C 293 15.80 -27.65 16.88
N ALA C 294 15.71 -28.77 17.59
CA ALA C 294 15.32 -30.04 16.98
C ALA C 294 13.85 -30.00 16.59
N ILE C 295 13.01 -29.49 17.48
CA ILE C 295 11.56 -29.46 17.24
C ILE C 295 11.23 -28.53 16.07
N LYS C 296 11.91 -27.39 16.00
CA LYS C 296 11.67 -26.46 14.91
C LYS C 296 12.15 -27.02 13.58
N TYR C 297 13.25 -27.77 13.60
CA TYR C 297 13.74 -28.38 12.36
C TYR C 297 12.72 -29.37 11.82
N VAL C 298 12.18 -30.20 12.72
CA VAL C 298 11.17 -31.17 12.32
C VAL C 298 9.92 -30.46 11.83
N THR C 299 9.56 -29.38 12.51
CA THR C 299 8.35 -28.64 12.16
C THR C 299 8.46 -28.08 10.76
N ASN C 300 9.61 -27.50 10.45
CA ASN C 300 9.84 -26.91 9.14
C ASN C 300 9.77 -27.96 8.04
N TYR C 301 10.29 -29.15 8.32
CA TYR C 301 10.21 -30.23 7.36
C TYR C 301 8.75 -30.62 7.11
N VAL C 302 8.02 -30.90 8.18
CA VAL C 302 6.62 -31.30 8.07
C VAL C 302 5.80 -30.27 7.29
N LEU C 303 6.10 -29.01 7.55
CA LEU C 303 5.43 -27.91 6.86
C LEU C 303 5.49 -28.13 5.35
N GLY C 304 6.61 -28.67 4.87
CA GLY C 304 6.77 -28.89 3.45
C GLY C 304 6.35 -30.28 2.99
N HIS C 305 5.75 -31.06 3.88
CA HIS C 305 5.37 -32.42 3.54
C HIS C 305 4.04 -32.84 4.16
N LEU C 306 3.04 -31.98 4.01
CA LEU C 306 1.71 -32.22 4.56
C LEU C 306 0.93 -33.19 3.68
ZN ZN D . -1.38 31.88 -14.21
C49 33Z E . 7.47 28.58 -16.63
C50 33Z E . 8.12 29.76 -17.06
C51 33Z E . 8.68 30.64 -16.11
C52 33Z E . 8.60 30.34 -14.72
C53 33Z E . 7.95 29.16 -14.28
C48 33Z E . 7.38 28.28 -15.24
C47 33Z E . 6.68 27.14 -14.81
O46 33Z E . 5.33 26.98 -15.30
C44 33Z E . 4.70 25.79 -15.00
O45 33Z E . 5.24 24.94 -14.28
N43 33Z E . 3.45 25.65 -15.48
C34 33Z E . 2.77 26.71 -16.27
C35 33Z E . 1.52 26.15 -16.96
C36 33Z E . 1.88 25.07 -17.99
C37 33Z E . 2.47 25.44 -19.24
C38 33Z E . 2.78 24.45 -20.20
C41 33Z E . 2.52 23.08 -19.92
C40 33Z E . 1.93 22.71 -18.67
C39 33Z E . 1.62 23.71 -17.71
C32 33Z E . 2.36 27.83 -15.30
O33 33Z E . 1.81 27.56 -14.23
N31 33Z E . 2.68 29.06 -15.69
C27 33Z E . 2.36 30.25 -14.85
C28 33Z E . 3.62 31.04 -14.42
C30 33Z E . 4.59 31.34 -15.56
C29 33Z E . 4.36 30.27 -13.32
P24 33Z E . 1.02 31.25 -15.61
O25 33Z E . 0.72 32.38 -14.70
O26 33Z E . -0.07 30.28 -15.90
C23 33Z E . 1.64 31.92 -17.18
C1 33Z E . 0.42 32.44 -17.98
C2 33Z E . -0.31 31.27 -18.69
O14 33Z E . 0.37 30.28 -19.06
O13 33Z E . -1.55 31.37 -18.79
C3 33Z E . 0.83 33.58 -18.99
C8 33Z E . -0.11 34.06 -19.92
C4 33Z E . 2.12 34.21 -18.92
C5 33Z E . 2.42 35.30 -19.76
C6 33Z E . 1.46 35.79 -20.69
C7 33Z E . 0.20 35.17 -20.77
N9 33Z E . -0.73 35.64 -21.64
C10 33Z E . -1.14 34.91 -22.69
N12 33Z E . -0.61 33.72 -22.95
N11 33Z E . -2.07 35.41 -23.51
ZN ZN F . 4.08 -3.86 -2.96
C49 33Z G . 8.90 -9.16 4.02
C50 33Z G . 9.16 -10.41 3.39
C51 33Z G . 10.27 -10.54 2.52
C52 33Z G . 11.11 -9.44 2.26
C53 33Z G . 10.86 -8.19 2.89
C48 33Z G . 9.75 -8.06 3.77
C47 33Z G . 9.48 -6.82 4.36
O46 33Z G . 8.17 -6.25 4.14
C44 33Z G . 7.87 -5.08 4.81
O45 33Z G . 8.71 -4.53 5.53
N43 33Z G . 6.64 -4.56 4.62
C34 33Z G . 5.65 -5.20 3.72
C35 33Z G . 4.23 -4.70 4.01
C36 33Z G . 3.74 -5.12 5.39
C37 33Z G . 3.36 -6.47 5.64
C38 33Z G . 2.92 -6.86 6.93
C41 33Z G . 2.87 -5.91 7.98
C40 33Z G . 3.25 -4.56 7.73
C39 33Z G . 3.68 -4.17 6.44
C32 33Z G . 6.02 -4.89 2.27
O33 33Z G . 6.32 -3.74 1.95
N31 33Z G . 6.02 -5.94 1.44
C27 33Z G . 6.34 -5.82 0.02
C28 33Z G . 7.54 -6.69 -0.41
C30 33Z G . 7.41 -8.17 0.00
C29 33Z G . 8.84 -6.11 0.17
P24 33Z G . 4.81 -5.96 -1.03
O25 33Z G . 5.20 -5.72 -2.43
O26 33Z G . 3.83 -5.06 -0.42
C23 33Z G . 4.18 -7.67 -0.90
C1 33Z G . 2.76 -7.69 -1.50
C2 33Z G . 1.72 -7.17 -0.46
O14 33Z G . 1.92 -7.43 0.74
O13 33Z G . 0.77 -6.49 -0.92
C3 33Z G . 2.34 -9.09 -2.06
C8 33Z G . 0.97 -9.33 -2.42
C4 33Z G . 3.30 -10.11 -2.33
C5 33Z G . 2.92 -11.32 -2.95
C6 33Z G . 1.55 -11.55 -3.30
C7 33Z G . 0.58 -10.56 -3.03
N9 33Z G . -0.72 -10.76 -3.36
C10 33Z G . -1.71 -10.78 -2.44
N12 33Z G . -1.45 -10.61 -1.14
N11 33Z G . -2.97 -10.97 -2.83
ZN ZN H . 8.85 -41.80 29.71
C49 33Z I . 16.62 -47.50 30.33
C50 33Z I . 17.17 -47.35 29.02
C51 33Z I . 18.07 -46.27 28.76
C52 33Z I . 18.40 -45.35 29.79
C53 33Z I . 17.84 -45.49 31.08
C48 33Z I . 16.94 -46.56 31.35
C47 33Z I . 16.33 -46.67 32.60
O46 33Z I . 14.89 -46.79 32.60
C44 33Z I . 14.28 -47.08 33.81
O45 33Z I . 14.92 -47.14 34.85
N43 33Z I . 12.94 -47.24 33.77
C34 33Z I . 12.16 -47.11 32.50
C35 33Z I . 10.76 -47.71 32.69
C36 33Z I . 10.84 -49.22 32.96
C37 33Z I . 11.19 -50.10 31.91
C38 33Z I . 11.27 -51.50 32.17
C41 33Z I . 10.98 -52.00 33.47
C40 33Z I . 10.63 -51.11 34.50
C39 33Z I . 10.55 -49.71 34.25
C32 33Z I . 12.06 -45.63 32.13
O33 33Z I . 11.78 -44.79 32.99
N31 33Z I . 12.37 -45.34 30.86
C27 33Z I . 12.35 -43.95 30.37
C28 33Z I . 13.75 -43.46 29.92
C30 33Z I . 14.44 -44.41 28.94
C29 33Z I . 14.64 -43.26 31.17
P24 33Z I . 10.97 -43.67 29.18
O25 33Z I . 10.99 -42.24 28.79
O26 33Z I . 9.80 -44.21 29.89
C23 33Z I . 11.31 -44.72 27.71
C1 33Z I . 9.99 -45.06 26.93
C2 33Z I . 9.01 -45.88 27.80
O14 33Z I . 9.49 -46.78 28.52
O13 33Z I . 7.80 -45.61 27.70
C3 33Z I . 10.24 -45.91 25.65
C8 33Z I . 9.12 -46.19 24.83
C4 33Z I . 11.48 -46.56 25.38
C5 33Z I . 11.57 -47.51 24.31
C6 33Z I . 10.42 -47.79 23.51
C7 33Z I . 9.19 -47.12 23.78
N9 33Z I . 8.08 -47.38 23.08
C10 33Z I . 7.65 -46.54 22.11
N12 33Z I . 8.34 -45.46 21.78
N11 33Z I . 6.53 -46.83 21.46
#